data_1Q3D
#
_entry.id   1Q3D
#
_cell.length_a   83.726
_cell.length_b   87.050
_cell.length_c   177.805
_cell.angle_alpha   90.00
_cell.angle_beta   90.00
_cell.angle_gamma   90.00
#
_symmetry.space_group_name_H-M   'P 21 21 21'
#
loop_
_entity.id
_entity.type
_entity.pdbx_description
1 polymer 'GLYCOGEN SYNTHASE KINASE-3 BETA'
2 non-polymer STAUROSPORINE
3 water water
#
_entity_poly.entity_id   1
_entity_poly.type   'polypeptide(L)'
_entity_poly.pdbx_seq_one_letter_code
;GPLGSSGRPRTTSFAESCKPVQQPSAFGSMKVSRDKDGSKVTTVVATPGQGPDRPQEVSYTDTKVIGNGSFGVVYQAKLC
DSGELVAIKKVLQDKRFKNRELQIMRKLDHCNIVRLRYFFYSSGEKKDEVYLNLVLDYVPETVYRVARHYSRAKQTLPVI
YVKLYMYQLFRSLAYIHSFGICHRDIKPQNLLLDPDTAVLKLCDFGSAKQLVRGEPNVSYICSRYYRAPELIFGATDYTS
SIDVWSAGCVLAELLLGQPIFPGDSGVDQLVEIIKVLGTPTREQIREMNPNYTEFKFPQIKAHPWTKVFRPRTPPEAIAL
CSRLLEYTPTARLTPLEACAHSFFDELRDPNVKLPNGRDTPALFNFTTQELSSNPPLATILIPPHARIQAAASTPTNATA
ASDANTGDRGQTNNAASASASNST
;
_entity_poly.pdbx_strand_id   A,B
#
loop_
_chem_comp.id
_chem_comp.type
_chem_comp.name
_chem_comp.formula
STU non-polymer STAUROSPORINE 'C28 H26 N4 O3'
#
# COMPACT_ATOMS: atom_id res chain seq x y z
N SER A 39 -12.79 -24.04 -36.20
CA SER A 39 -12.54 -23.37 -34.88
C SER A 39 -13.28 -24.04 -33.71
N LYS A 40 -12.71 -23.93 -32.52
CA LYS A 40 -13.28 -24.53 -31.31
C LYS A 40 -14.47 -23.80 -30.71
N VAL A 41 -15.41 -24.59 -30.20
CA VAL A 41 -16.63 -24.10 -29.57
C VAL A 41 -16.88 -24.86 -28.28
N THR A 42 -17.24 -24.12 -27.22
CA THR A 42 -17.53 -24.69 -25.92
C THR A 42 -18.98 -24.42 -25.58
N THR A 43 -19.75 -25.49 -25.36
CA THR A 43 -21.17 -25.37 -25.04
C THR A 43 -21.35 -25.82 -23.60
N VAL A 44 -22.02 -25.01 -22.81
CA VAL A 44 -22.26 -25.33 -21.41
C VAL A 44 -23.73 -25.11 -21.08
N VAL A 45 -24.16 -25.59 -19.92
CA VAL A 45 -25.53 -25.38 -19.49
C VAL A 45 -25.41 -24.59 -18.20
N ALA A 46 -25.72 -23.30 -18.28
CA ALA A 46 -25.61 -22.39 -17.14
C ALA A 46 -26.94 -21.92 -16.56
N THR A 47 -26.86 -21.35 -15.36
CA THR A 47 -28.01 -20.80 -14.66
C THR A 47 -27.95 -19.27 -14.84
N PRO A 48 -29.09 -18.62 -15.17
CA PRO A 48 -29.09 -17.16 -15.36
C PRO A 48 -28.65 -16.43 -14.08
N GLY A 49 -27.92 -15.32 -14.25
CA GLY A 49 -27.44 -14.57 -13.10
C GLY A 49 -28.55 -14.27 -12.11
N GLN A 50 -29.56 -13.59 -12.61
CA GLN A 50 -30.72 -13.29 -11.81
C GLN A 50 -31.86 -13.75 -12.69
N GLY A 51 -33.03 -13.92 -12.08
CA GLY A 51 -34.19 -14.37 -12.82
C GLY A 51 -34.58 -15.78 -12.38
N PRO A 52 -35.52 -16.39 -13.10
CA PRO A 52 -35.93 -17.75 -12.73
C PRO A 52 -34.78 -18.73 -12.95
N ASP A 53 -34.69 -19.75 -12.11
CA ASP A 53 -33.65 -20.75 -12.26
C ASP A 53 -34.00 -21.70 -13.41
N ARG A 54 -33.76 -21.26 -14.65
CA ARG A 54 -34.05 -22.07 -15.82
C ARG A 54 -32.81 -22.25 -16.68
N PRO A 55 -32.11 -23.39 -16.52
CA PRO A 55 -30.91 -23.71 -17.26
C PRO A 55 -30.94 -23.28 -18.73
N GLN A 56 -29.78 -22.91 -19.23
CA GLN A 56 -29.70 -22.46 -20.60
C GLN A 56 -28.40 -22.92 -21.24
N GLU A 57 -28.46 -23.14 -22.54
CA GLU A 57 -27.31 -23.62 -23.29
C GLU A 57 -26.55 -22.42 -23.83
N VAL A 58 -25.30 -22.25 -23.40
CA VAL A 58 -24.47 -21.15 -23.85
C VAL A 58 -23.27 -21.64 -24.68
N SER A 59 -23.09 -21.05 -25.85
CA SER A 59 -22.00 -21.44 -26.74
C SER A 59 -21.06 -20.27 -26.96
N TYR A 60 -19.78 -20.52 -26.75
CA TYR A 60 -18.80 -19.46 -26.94
C TYR A 60 -17.50 -19.98 -27.52
N THR A 61 -16.79 -19.09 -28.20
CA THR A 61 -15.52 -19.39 -28.83
C THR A 61 -14.53 -18.21 -28.67
N ASP A 62 -13.28 -18.39 -29.09
CA ASP A 62 -12.23 -17.37 -29.01
C ASP A 62 -11.69 -17.11 -27.61
N THR A 63 -11.66 -18.15 -26.79
CA THR A 63 -11.18 -18.02 -25.43
C THR A 63 -9.74 -17.55 -25.30
N LYS A 64 -9.52 -16.55 -24.44
CA LYS A 64 -8.19 -16.01 -24.15
C LYS A 64 -8.13 -15.31 -22.80
N VAL A 65 -6.97 -15.41 -22.16
CA VAL A 65 -6.75 -14.80 -20.85
C VAL A 65 -6.55 -13.29 -20.95
N ILE A 66 -7.22 -12.56 -20.07
CA ILE A 66 -7.10 -11.11 -20.05
C ILE A 66 -6.77 -10.61 -18.66
N GLY A 67 -6.84 -11.50 -17.67
CA GLY A 67 -6.55 -11.10 -16.29
C GLY A 67 -6.22 -12.30 -15.43
N ASN A 68 -5.45 -12.08 -14.36
CA ASN A 68 -5.03 -13.16 -13.45
C ASN A 68 -5.16 -12.81 -11.98
N GLY A 69 -6.23 -12.06 -11.65
CA GLY A 69 -6.49 -11.61 -10.30
C GLY A 69 -6.45 -12.60 -9.16
N SER A 70 -5.32 -12.62 -8.44
CA SER A 70 -5.07 -13.49 -7.27
C SER A 70 -5.92 -14.77 -7.20
N PHE A 71 -7.21 -14.56 -6.94
CA PHE A 71 -8.17 -15.64 -6.80
C PHE A 71 -8.34 -16.57 -8.01
N GLY A 72 -8.14 -16.08 -9.22
CA GLY A 72 -8.30 -16.96 -10.37
C GLY A 72 -7.87 -16.43 -11.70
N VAL A 73 -8.65 -16.72 -12.74
CA VAL A 73 -8.34 -16.24 -14.08
C VAL A 73 -9.56 -15.59 -14.71
N VAL A 74 -9.33 -14.57 -15.54
CA VAL A 74 -10.42 -13.91 -16.23
C VAL A 74 -10.15 -14.04 -17.71
N TYR A 75 -11.13 -14.53 -18.47
CA TYR A 75 -10.97 -14.70 -19.91
C TYR A 75 -11.96 -13.83 -20.64
N GLN A 76 -11.66 -13.58 -21.89
CA GLN A 76 -12.54 -12.85 -22.77
C GLN A 76 -13.08 -13.96 -23.65
N ALA A 77 -14.38 -13.95 -23.94
CA ALA A 77 -14.96 -14.98 -24.79
C ALA A 77 -15.95 -14.34 -25.74
N LYS A 78 -16.25 -15.04 -26.83
CA LYS A 78 -17.17 -14.52 -27.81
C LYS A 78 -18.38 -15.46 -27.90
N LEU A 79 -19.58 -14.91 -27.74
CA LEU A 79 -20.78 -15.74 -27.82
C LEU A 79 -21.08 -16.12 -29.26
N CYS A 80 -21.14 -17.42 -29.50
CA CYS A 80 -21.38 -17.98 -30.82
C CYS A 80 -22.52 -17.42 -31.67
N ASP A 81 -23.68 -17.19 -31.07
CA ASP A 81 -24.77 -16.68 -31.90
C ASP A 81 -24.91 -15.17 -32.00
N SER A 82 -24.76 -14.44 -30.90
CA SER A 82 -24.88 -12.98 -30.99
C SER A 82 -23.55 -12.35 -31.42
N GLY A 83 -22.46 -13.09 -31.26
CA GLY A 83 -21.14 -12.58 -31.61
C GLY A 83 -20.58 -11.64 -30.55
N GLU A 84 -21.40 -11.34 -29.54
CA GLU A 84 -21.04 -10.46 -28.43
C GLU A 84 -19.93 -11.01 -27.52
N LEU A 85 -19.10 -10.11 -27.01
CA LEU A 85 -17.99 -10.49 -26.12
C LEU A 85 -18.47 -10.50 -24.68
N VAL A 86 -17.85 -11.35 -23.87
CA VAL A 86 -18.17 -11.44 -22.46
C VAL A 86 -16.88 -11.77 -21.72
N ALA A 87 -16.88 -11.58 -20.42
CA ALA A 87 -15.73 -11.89 -19.60
C ALA A 87 -16.13 -13.06 -18.74
N ILE A 88 -15.26 -14.04 -18.57
CA ILE A 88 -15.58 -15.19 -17.74
C ILE A 88 -14.55 -15.29 -16.64
N LYS A 89 -14.97 -15.13 -15.41
CA LYS A 89 -14.06 -15.22 -14.27
C LYS A 89 -14.10 -16.67 -13.75
N LYS A 90 -12.96 -17.33 -13.73
CA LYS A 90 -12.88 -18.71 -13.29
C LYS A 90 -12.17 -18.85 -11.96
N VAL A 91 -12.86 -19.42 -10.98
CA VAL A 91 -12.27 -19.58 -9.65
C VAL A 91 -12.53 -20.97 -9.05
N LEU A 92 -11.56 -21.46 -8.29
CA LEU A 92 -11.67 -22.78 -7.65
C LEU A 92 -12.69 -22.65 -6.55
N GLN A 93 -13.62 -23.59 -6.47
CA GLN A 93 -14.65 -23.48 -5.45
C GLN A 93 -14.74 -24.67 -4.49
N ASP A 94 -14.55 -24.40 -3.21
CA ASP A 94 -14.65 -25.45 -2.23
C ASP A 94 -16.04 -25.47 -1.63
N LYS A 95 -16.63 -26.65 -1.61
CA LYS A 95 -17.97 -26.80 -1.09
C LYS A 95 -18.10 -26.61 0.42
N ARG A 96 -17.00 -26.30 1.11
CA ARG A 96 -17.11 -26.09 2.55
C ARG A 96 -18.14 -24.97 2.75
N PHE A 97 -18.25 -24.08 1.76
CA PHE A 97 -19.20 -22.95 1.80
C PHE A 97 -19.71 -22.58 0.41
N LYS A 98 -20.70 -21.70 0.36
CA LYS A 98 -21.24 -21.22 -0.90
C LYS A 98 -20.36 -20.00 -1.23
N ASN A 99 -20.19 -19.68 -2.51
CA ASN A 99 -19.35 -18.55 -2.92
C ASN A 99 -20.00 -17.19 -2.57
N ARG A 100 -19.39 -16.44 -1.65
CA ARG A 100 -19.94 -15.14 -1.24
C ARG A 100 -20.15 -14.13 -2.38
N GLU A 101 -19.21 -14.10 -3.32
CA GLU A 101 -19.32 -13.19 -4.44
C GLU A 101 -20.49 -13.56 -5.32
N LEU A 102 -20.65 -14.85 -5.57
CA LEU A 102 -21.74 -15.33 -6.41
C LEU A 102 -23.07 -14.93 -5.80
N GLN A 103 -23.24 -15.23 -4.51
CA GLN A 103 -24.48 -14.90 -3.85
C GLN A 103 -24.78 -13.41 -3.86
N ILE A 104 -23.74 -12.57 -3.86
CA ILE A 104 -24.00 -11.13 -3.91
C ILE A 104 -24.40 -10.74 -5.33
N MET A 105 -23.69 -11.28 -6.31
CA MET A 105 -24.00 -10.92 -7.69
C MET A 105 -25.36 -11.40 -8.20
N ARG A 106 -25.94 -12.40 -7.53
CA ARG A 106 -27.24 -12.91 -7.98
C ARG A 106 -28.38 -11.99 -7.55
N LYS A 107 -28.08 -11.05 -6.66
CA LYS A 107 -29.07 -10.09 -6.18
C LYS A 107 -28.99 -8.77 -6.95
N LEU A 108 -27.93 -8.59 -7.73
CA LEU A 108 -27.75 -7.31 -8.42
C LEU A 108 -28.02 -7.23 -9.91
N ASP A 109 -28.62 -6.13 -10.32
CA ASP A 109 -28.89 -5.87 -11.73
C ASP A 109 -29.07 -4.36 -11.86
N HIS A 110 -28.04 -3.67 -12.35
CA HIS A 110 -28.08 -2.22 -12.48
C HIS A 110 -27.25 -1.77 -13.68
N CYS A 111 -27.70 -0.73 -14.37
CA CYS A 111 -26.99 -0.27 -15.56
C CYS A 111 -25.53 0.17 -15.29
N ASN A 112 -25.19 0.43 -14.03
CA ASN A 112 -23.82 0.83 -13.74
C ASN A 112 -22.99 -0.19 -12.96
N ILE A 113 -23.32 -1.47 -13.13
CA ILE A 113 -22.59 -2.56 -12.46
C ILE A 113 -22.41 -3.68 -13.48
N VAL A 114 -21.20 -4.22 -13.60
CA VAL A 114 -20.97 -5.32 -14.54
C VAL A 114 -21.95 -6.43 -14.10
N ARG A 115 -22.80 -6.88 -15.01
CA ARG A 115 -23.79 -7.90 -14.68
C ARG A 115 -23.37 -9.36 -14.78
N LEU A 116 -23.86 -10.16 -13.82
CA LEU A 116 -23.62 -11.60 -13.86
C LEU A 116 -24.65 -12.14 -14.86
N ARG A 117 -24.22 -12.61 -16.01
CA ARG A 117 -25.18 -13.13 -16.96
C ARG A 117 -25.56 -14.58 -16.66
N TYR A 118 -24.55 -15.41 -16.42
CA TYR A 118 -24.76 -16.81 -16.09
C TYR A 118 -23.56 -17.26 -15.29
N PHE A 119 -23.73 -18.38 -14.63
CA PHE A 119 -22.66 -19.00 -13.88
C PHE A 119 -22.84 -20.51 -14.04
N PHE A 120 -21.73 -21.25 -14.10
CA PHE A 120 -21.78 -22.69 -14.27
C PHE A 120 -20.55 -23.34 -13.68
N TYR A 121 -20.65 -24.62 -13.33
CA TYR A 121 -19.50 -25.31 -12.76
C TYR A 121 -18.74 -26.16 -13.77
N SER A 122 -17.45 -26.36 -13.52
CA SER A 122 -16.58 -27.14 -14.39
C SER A 122 -15.33 -27.59 -13.64
N SER A 123 -14.28 -27.89 -14.38
CA SER A 123 -13.00 -28.35 -13.80
C SER A 123 -11.81 -27.59 -14.41
N VAL A 130 -13.26 -28.67 -8.96
CA VAL A 130 -14.52 -27.97 -9.24
C VAL A 130 -14.34 -26.46 -9.32
N TYR A 131 -14.59 -25.91 -10.50
CA TYR A 131 -14.45 -24.47 -10.70
C TYR A 131 -15.75 -23.74 -11.01
N LEU A 132 -15.97 -22.64 -10.32
CA LEU A 132 -17.13 -21.79 -10.54
C LEU A 132 -16.75 -20.88 -11.71
N ASN A 133 -17.67 -20.67 -12.64
CA ASN A 133 -17.40 -19.82 -13.78
C ASN A 133 -18.50 -18.77 -13.83
N LEU A 134 -18.10 -17.49 -13.76
CA LEU A 134 -19.04 -16.38 -13.82
C LEU A 134 -18.94 -15.71 -15.18
N VAL A 135 -20.04 -15.69 -15.92
CA VAL A 135 -20.04 -15.06 -17.24
C VAL A 135 -20.54 -13.62 -17.03
N LEU A 136 -19.67 -12.65 -17.28
CA LEU A 136 -19.95 -11.25 -17.06
C LEU A 136 -19.95 -10.37 -18.29
N ASP A 137 -20.55 -9.18 -18.18
CA ASP A 137 -20.54 -8.21 -19.29
C ASP A 137 -19.04 -7.92 -19.56
N TYR A 138 -18.71 -7.61 -20.81
CA TYR A 138 -17.35 -7.25 -21.19
C TYR A 138 -17.30 -5.75 -21.48
N VAL A 139 -16.39 -5.05 -20.82
CA VAL A 139 -16.21 -3.61 -20.99
C VAL A 139 -14.72 -3.42 -21.30
N PRO A 140 -14.42 -2.85 -22.47
CA PRO A 140 -13.03 -2.63 -22.90
C PRO A 140 -12.06 -1.69 -22.17
N GLU A 141 -12.52 -0.57 -21.64
CA GLU A 141 -11.63 0.37 -20.96
C GLU A 141 -11.85 0.51 -19.45
N THR A 142 -11.06 1.39 -18.82
CA THR A 142 -11.16 1.65 -17.38
C THR A 142 -10.80 3.12 -17.07
N VAL A 143 -11.24 3.60 -15.91
CA VAL A 143 -10.94 4.96 -15.49
C VAL A 143 -9.45 5.12 -15.27
N TYR A 144 -8.82 4.07 -14.76
CA TYR A 144 -7.39 4.07 -14.51
C TYR A 144 -6.58 4.33 -15.80
N ARG A 145 -6.92 3.60 -16.86
CA ARG A 145 -6.21 3.74 -18.12
C ARG A 145 -6.47 5.06 -18.81
N VAL A 146 -7.70 5.53 -18.78
CA VAL A 146 -8.03 6.79 -19.40
C VAL A 146 -7.31 7.91 -18.65
N ALA A 147 -7.40 7.90 -17.32
CA ALA A 147 -6.77 8.95 -16.56
C ALA A 147 -5.26 8.94 -16.77
N ARG A 148 -4.67 7.76 -16.93
CA ARG A 148 -3.25 7.64 -17.17
C ARG A 148 -2.84 8.24 -18.53
N HIS A 149 -3.65 8.06 -19.56
CA HIS A 149 -3.32 8.63 -20.87
C HIS A 149 -3.20 10.16 -20.77
N TYR A 150 -4.13 10.81 -20.07
CA TYR A 150 -4.09 12.26 -19.91
C TYR A 150 -2.94 12.68 -19.02
N SER A 151 -2.73 11.91 -17.95
CA SER A 151 -1.70 12.18 -16.98
C SER A 151 -0.32 12.32 -17.62
N ARG A 152 0.10 11.30 -18.36
CA ARG A 152 1.39 11.41 -19.02
C ARG A 152 1.10 11.94 -20.43
N ALA A 153 0.89 13.26 -20.47
CA ALA A 153 0.61 14.05 -21.66
C ALA A 153 0.34 15.41 -21.04
N LYS A 154 0.56 15.46 -19.74
CA LYS A 154 0.38 16.67 -18.94
C LYS A 154 -0.94 17.39 -19.23
N GLN A 155 -2.01 16.61 -19.24
CA GLN A 155 -3.35 17.14 -19.49
C GLN A 155 -4.31 16.57 -18.44
N THR A 156 -5.45 17.22 -18.24
CA THR A 156 -6.42 16.68 -17.30
C THR A 156 -7.63 16.33 -18.13
N LEU A 157 -8.40 15.39 -17.63
CA LEU A 157 -9.61 14.96 -18.32
C LEU A 157 -10.61 16.11 -18.34
N PRO A 158 -11.32 16.31 -19.46
CA PRO A 158 -12.31 17.40 -19.52
C PRO A 158 -13.35 17.14 -18.41
N VAL A 159 -13.76 18.20 -17.73
CA VAL A 159 -14.70 18.07 -16.64
C VAL A 159 -16.08 17.44 -16.96
N ILE A 160 -16.47 17.39 -18.24
CA ILE A 160 -17.75 16.79 -18.57
C ILE A 160 -17.65 15.29 -18.29
N TYR A 161 -16.47 14.73 -18.50
CA TYR A 161 -16.22 13.30 -18.25
C TYR A 161 -16.09 13.02 -16.75
N VAL A 162 -15.49 13.93 -16.00
CA VAL A 162 -15.37 13.76 -14.56
C VAL A 162 -16.80 13.67 -13.99
N LYS A 163 -17.70 14.52 -14.49
CA LYS A 163 -19.09 14.52 -14.07
C LYS A 163 -19.81 13.21 -14.42
N LEU A 164 -19.70 12.79 -15.67
CA LEU A 164 -20.36 11.55 -16.12
C LEU A 164 -19.90 10.32 -15.38
N TYR A 165 -18.58 10.18 -15.19
CA TYR A 165 -18.02 9.03 -14.51
C TYR A 165 -18.35 8.99 -13.03
N MET A 166 -18.17 10.11 -12.33
CA MET A 166 -18.44 10.16 -10.90
C MET A 166 -19.93 9.96 -10.58
N TYR A 167 -20.79 10.55 -11.40
CA TYR A 167 -22.22 10.42 -11.23
C TYR A 167 -22.63 8.95 -11.30
N GLN A 168 -22.17 8.26 -12.35
CA GLN A 168 -22.52 6.86 -12.50
C GLN A 168 -21.94 5.99 -11.37
N LEU A 169 -20.77 6.36 -10.83
CA LEU A 169 -20.19 5.57 -9.76
C LEU A 169 -21.10 5.73 -8.52
N PHE A 170 -21.53 6.94 -8.23
CA PHE A 170 -22.41 7.18 -7.09
C PHE A 170 -23.76 6.48 -7.25
N ARG A 171 -24.25 6.35 -8.48
CA ARG A 171 -25.52 5.65 -8.68
C ARG A 171 -25.32 4.18 -8.34
N SER A 172 -24.20 3.60 -8.78
CA SER A 172 -23.97 2.20 -8.48
C SER A 172 -23.80 1.96 -6.97
N LEU A 173 -23.22 2.94 -6.26
CA LEU A 173 -23.03 2.79 -4.81
C LEU A 173 -24.36 2.91 -4.07
N ALA A 174 -25.19 3.87 -4.48
CA ALA A 174 -26.50 4.04 -3.85
C ALA A 174 -27.29 2.72 -4.00
N TYR A 175 -27.16 2.08 -5.15
CA TYR A 175 -27.86 0.85 -5.39
C TYR A 175 -27.36 -0.30 -4.53
N ILE A 176 -26.05 -0.56 -4.52
CA ILE A 176 -25.60 -1.66 -3.68
C ILE A 176 -25.73 -1.38 -2.17
N HIS A 177 -25.57 -0.13 -1.76
CA HIS A 177 -25.71 0.19 -0.36
C HIS A 177 -27.17 0.00 0.09
N SER A 178 -28.11 0.11 -0.85
CA SER A 178 -29.52 -0.04 -0.50
C SER A 178 -29.78 -1.49 -0.04
N PHE A 179 -28.92 -2.43 -0.43
CA PHE A 179 -29.10 -3.81 0.02
C PHE A 179 -28.18 -4.05 1.21
N GLY A 180 -27.55 -2.98 1.70
CA GLY A 180 -26.62 -3.11 2.81
C GLY A 180 -25.26 -3.67 2.41
N ILE A 181 -25.02 -3.78 1.10
CA ILE A 181 -23.73 -4.29 0.59
C ILE A 181 -22.68 -3.18 0.40
N CYS A 182 -21.49 -3.42 0.93
CA CYS A 182 -20.38 -2.46 0.81
C CYS A 182 -19.36 -3.12 -0.12
N HIS A 183 -18.93 -2.38 -1.15
CA HIS A 183 -17.97 -2.91 -2.14
C HIS A 183 -16.58 -3.22 -1.54
N ARG A 184 -16.09 -2.29 -0.74
CA ARG A 184 -14.80 -2.39 -0.06
C ARG A 184 -13.53 -2.38 -0.92
N ASP A 185 -13.64 -2.06 -2.22
CA ASP A 185 -12.43 -1.96 -3.03
C ASP A 185 -12.65 -1.03 -4.23
N ILE A 186 -13.14 0.17 -3.94
CA ILE A 186 -13.39 1.17 -4.96
C ILE A 186 -12.06 1.80 -5.33
N LYS A 187 -11.71 1.72 -6.61
CA LYS A 187 -10.45 2.28 -7.11
C LYS A 187 -10.61 2.33 -8.62
N PRO A 188 -9.85 3.20 -9.30
CA PRO A 188 -9.90 3.37 -10.76
C PRO A 188 -9.87 2.11 -11.63
N GLN A 189 -9.13 1.09 -11.21
CA GLN A 189 -9.06 -0.15 -11.99
C GLN A 189 -10.33 -1.00 -11.96
N ASN A 190 -11.25 -0.65 -11.06
CA ASN A 190 -12.50 -1.39 -10.95
C ASN A 190 -13.68 -0.61 -11.52
N LEU A 191 -13.39 0.47 -12.24
CA LEU A 191 -14.40 1.30 -12.88
C LEU A 191 -14.22 1.11 -14.39
N LEU A 192 -14.98 0.17 -14.97
CA LEU A 192 -14.86 -0.09 -16.40
C LEU A 192 -15.65 0.94 -17.21
N LEU A 193 -15.14 1.24 -18.40
CA LEU A 193 -15.75 2.23 -19.28
C LEU A 193 -15.90 1.76 -20.71
N ASP A 194 -16.96 2.24 -21.37
CA ASP A 194 -17.15 1.98 -22.80
C ASP A 194 -16.90 3.38 -23.36
N PRO A 195 -15.79 3.57 -24.10
CA PRO A 195 -15.41 4.88 -24.68
C PRO A 195 -16.49 5.63 -25.49
N ASP A 196 -17.16 4.93 -26.39
CA ASP A 196 -18.17 5.58 -27.22
C ASP A 196 -19.41 6.09 -26.50
N THR A 197 -19.96 5.26 -25.62
CA THR A 197 -21.17 5.60 -24.90
C THR A 197 -20.95 6.33 -23.59
N ALA A 198 -19.73 6.27 -23.07
CA ALA A 198 -19.38 6.93 -21.81
C ALA A 198 -20.12 6.28 -20.64
N VAL A 199 -20.48 5.01 -20.80
CA VAL A 199 -21.16 4.27 -19.74
C VAL A 199 -20.07 3.71 -18.82
N LEU A 200 -20.27 3.82 -17.51
CA LEU A 200 -19.32 3.30 -16.55
C LEU A 200 -20.00 2.17 -15.78
N LYS A 201 -19.24 1.11 -15.50
CA LYS A 201 -19.78 -0.03 -14.74
C LYS A 201 -18.81 -0.48 -13.69
N LEU A 202 -19.27 -0.56 -12.45
CA LEU A 202 -18.44 -1.01 -11.33
C LEU A 202 -18.27 -2.53 -11.45
N CYS A 203 -17.08 -3.03 -11.13
CA CYS A 203 -16.86 -4.47 -11.18
C CYS A 203 -16.03 -4.97 -10.01
N ASP A 204 -15.82 -6.29 -10.00
CA ASP A 204 -15.07 -7.02 -8.97
C ASP A 204 -15.67 -6.96 -7.59
N PHE A 205 -16.58 -7.89 -7.32
CA PHE A 205 -17.22 -7.92 -6.01
C PHE A 205 -16.59 -8.95 -5.08
N GLY A 206 -15.33 -9.31 -5.35
CA GLY A 206 -14.61 -10.28 -4.53
C GLY A 206 -14.30 -9.86 -3.11
N SER A 207 -14.44 -8.58 -2.79
CA SER A 207 -14.19 -8.11 -1.42
C SER A 207 -15.50 -7.59 -0.80
N ALA A 208 -16.57 -7.59 -1.59
CA ALA A 208 -17.86 -7.07 -1.15
C ALA A 208 -18.47 -7.88 -0.03
N LYS A 209 -19.23 -7.21 0.81
CA LYS A 209 -19.88 -7.90 1.91
C LYS A 209 -21.02 -7.11 2.52
N GLN A 210 -22.07 -7.82 2.95
CA GLN A 210 -23.18 -7.13 3.59
C GLN A 210 -22.74 -6.77 4.98
N LEU A 211 -22.78 -5.49 5.33
CA LEU A 211 -22.36 -5.05 6.65
C LEU A 211 -23.54 -4.96 7.60
N VAL A 212 -23.49 -5.74 8.67
CA VAL A 212 -24.55 -5.76 9.68
C VAL A 212 -24.07 -5.08 10.96
N ARG A 213 -24.76 -4.04 11.41
CA ARG A 213 -24.35 -3.35 12.63
C ARG A 213 -24.09 -4.30 13.78
N GLY A 214 -23.12 -3.93 14.62
CA GLY A 214 -22.78 -4.78 15.75
C GLY A 214 -21.87 -5.92 15.37
N GLU A 215 -21.75 -6.21 14.07
CA GLU A 215 -20.86 -7.30 13.64
C GLU A 215 -19.51 -6.69 13.23
N PRO A 216 -18.42 -7.41 13.51
CA PRO A 216 -17.07 -6.92 13.17
C PRO A 216 -16.65 -7.32 11.74
N ASN A 217 -15.84 -6.49 11.11
CA ASN A 217 -15.37 -6.79 9.77
C ASN A 217 -13.87 -6.49 9.68
N VAL A 218 -13.17 -7.26 8.85
CA VAL A 218 -11.72 -7.06 8.71
C VAL A 218 -11.38 -5.64 8.26
N SER A 219 -10.27 -5.11 8.75
CA SER A 219 -9.88 -3.75 8.37
C SER A 219 -8.81 -3.70 7.29
N TYR A 220 -8.37 -4.85 6.81
CA TYR A 220 -7.31 -4.87 5.80
C TYR A 220 -7.80 -4.97 4.34
N ILE A 221 -9.04 -4.54 4.10
CA ILE A 221 -9.59 -4.53 2.74
C ILE A 221 -9.35 -3.11 2.20
N CYS A 222 -9.59 -2.94 0.91
CA CYS A 222 -9.41 -1.65 0.23
C CYS A 222 -7.94 -1.40 -0.13
N SER A 223 -7.73 -0.77 -1.28
CA SER A 223 -6.38 -0.52 -1.80
C SER A 223 -5.70 0.77 -1.45
N ARG A 224 -4.38 0.72 -1.48
CA ARG A 224 -3.51 1.87 -1.18
C ARG A 224 -3.92 3.11 -1.99
N TYR A 225 -4.02 4.24 -1.30
CA TYR A 225 -4.40 5.52 -1.87
C TYR A 225 -5.90 5.78 -1.66
N TYR A 226 -6.70 4.72 -1.60
CA TYR A 226 -8.15 4.88 -1.50
C TYR A 226 -8.79 4.43 -0.18
N ARG A 227 -7.96 4.09 0.80
CA ARG A 227 -8.49 3.64 2.08
C ARG A 227 -8.91 4.81 2.98
N ALA A 228 -10.11 4.70 3.54
CA ALA A 228 -10.61 5.72 4.45
C ALA A 228 -9.73 5.68 5.70
N PRO A 229 -9.64 6.81 6.42
CA PRO A 229 -8.84 6.95 7.64
C PRO A 229 -9.22 5.90 8.70
N GLU A 230 -10.51 5.66 8.89
CA GLU A 230 -10.92 4.68 9.89
C GLU A 230 -10.29 3.32 9.59
N LEU A 231 -10.08 3.00 8.32
CA LEU A 231 -9.45 1.70 7.98
C LEU A 231 -7.94 1.75 8.27
N ILE A 232 -7.30 2.88 7.99
CA ILE A 232 -5.87 3.02 8.25
C ILE A 232 -5.67 2.91 9.76
N PHE A 233 -6.60 3.46 10.54
CA PHE A 233 -6.52 3.37 12.00
C PHE A 233 -6.93 2.00 12.53
N GLY A 234 -7.33 1.09 11.64
CA GLY A 234 -7.68 -0.26 12.06
C GLY A 234 -9.06 -0.61 12.60
N ALA A 235 -10.06 0.26 12.38
CA ALA A 235 -11.43 0.02 12.86
C ALA A 235 -12.04 -1.23 12.25
N THR A 236 -12.92 -1.87 13.02
CA THR A 236 -13.57 -3.09 12.57
C THR A 236 -15.09 -2.93 12.56
N ASP A 237 -15.54 -1.73 12.92
CA ASP A 237 -16.97 -1.40 12.97
C ASP A 237 -17.34 -0.31 11.97
N TYR A 238 -16.59 -0.23 10.87
CA TYR A 238 -16.83 0.78 9.85
C TYR A 238 -18.11 0.46 9.06
N THR A 239 -18.62 1.47 8.37
CA THR A 239 -19.83 1.34 7.57
C THR A 239 -19.53 1.49 6.08
N SER A 240 -20.60 1.50 5.29
CA SER A 240 -20.50 1.65 3.86
C SER A 240 -19.90 2.99 3.45
N SER A 241 -19.81 3.93 4.37
CA SER A 241 -19.25 5.21 4.00
C SER A 241 -17.75 5.13 3.66
N ILE A 242 -17.14 3.96 3.79
CA ILE A 242 -15.72 3.84 3.40
C ILE A 242 -15.69 3.89 1.85
N ASP A 243 -16.73 3.35 1.22
CA ASP A 243 -16.84 3.38 -0.24
C ASP A 243 -16.95 4.83 -0.73
N VAL A 244 -17.59 5.69 0.07
CA VAL A 244 -17.74 7.10 -0.30
C VAL A 244 -16.38 7.82 -0.21
N TRP A 245 -15.60 7.51 0.81
CA TRP A 245 -14.28 8.12 0.91
C TRP A 245 -13.45 7.74 -0.34
N SER A 246 -13.49 6.45 -0.68
CA SER A 246 -12.78 5.95 -1.85
C SER A 246 -13.19 6.72 -3.11
N ALA A 247 -14.50 6.90 -3.28
CA ALA A 247 -15.01 7.60 -4.43
C ALA A 247 -14.50 9.06 -4.42
N GLY A 248 -14.40 9.65 -3.22
CA GLY A 248 -13.87 11.00 -3.09
C GLY A 248 -12.43 11.06 -3.56
N CYS A 249 -11.65 10.01 -3.26
CA CYS A 249 -10.26 9.93 -3.69
C CYS A 249 -10.16 9.81 -5.22
N VAL A 250 -11.12 9.10 -5.83
CA VAL A 250 -11.11 8.97 -7.28
C VAL A 250 -11.43 10.31 -7.94
N LEU A 251 -12.41 11.03 -7.40
CA LEU A 251 -12.76 12.34 -7.95
C LEU A 251 -11.55 13.29 -7.82
N ALA A 252 -10.99 13.39 -6.62
CA ALA A 252 -9.84 14.26 -6.41
C ALA A 252 -8.73 13.96 -7.44
N GLU A 253 -8.49 12.68 -7.66
CA GLU A 253 -7.47 12.23 -8.59
C GLU A 253 -7.76 12.63 -10.05
N LEU A 254 -9.01 12.60 -10.46
CA LEU A 254 -9.32 12.97 -11.85
C LEU A 254 -9.16 14.48 -12.04
N LEU A 255 -9.39 15.26 -10.98
CA LEU A 255 -9.25 16.71 -11.06
C LEU A 255 -7.78 17.13 -10.99
N LEU A 256 -7.02 16.47 -10.12
CA LEU A 256 -5.59 16.75 -9.92
C LEU A 256 -4.62 16.20 -10.96
N GLY A 257 -4.92 15.05 -11.53
CA GLY A 257 -4.01 14.46 -12.51
C GLY A 257 -3.15 13.39 -11.86
N GLN A 258 -3.30 13.23 -10.55
CA GLN A 258 -2.53 12.24 -9.80
C GLN A 258 -3.24 11.97 -8.46
N PRO A 259 -2.91 10.85 -7.80
CA PRO A 259 -3.52 10.48 -6.50
C PRO A 259 -3.41 11.60 -5.48
N ILE A 260 -4.47 11.86 -4.73
CA ILE A 260 -4.42 12.92 -3.73
C ILE A 260 -3.79 12.51 -2.38
N PHE A 261 -3.86 11.24 -2.00
CA PHE A 261 -3.25 10.83 -0.73
C PHE A 261 -2.31 9.63 -0.91
N PRO A 262 -1.19 9.83 -1.64
CA PRO A 262 -0.20 8.78 -1.89
C PRO A 262 0.63 8.44 -0.66
N GLY A 263 1.31 7.31 -0.70
CA GLY A 263 2.12 6.90 0.43
C GLY A 263 2.23 5.39 0.44
N ASP A 264 3.41 4.87 0.74
CA ASP A 264 3.61 3.42 0.75
C ASP A 264 3.24 2.78 2.08
N SER A 265 3.09 3.59 3.12
CA SER A 265 2.71 3.09 4.43
C SER A 265 1.53 3.92 4.92
N GLY A 266 0.77 3.36 5.87
CA GLY A 266 -0.36 4.09 6.41
C GLY A 266 0.08 5.42 6.99
N VAL A 267 1.24 5.42 7.63
CA VAL A 267 1.82 6.62 8.23
C VAL A 267 1.98 7.72 7.20
N ASP A 268 2.54 7.40 6.05
CA ASP A 268 2.73 8.42 5.01
C ASP A 268 1.42 8.89 4.42
N GLN A 269 0.47 7.96 4.27
CA GLN A 269 -0.83 8.31 3.73
C GLN A 269 -1.50 9.29 4.69
N LEU A 270 -1.44 9.02 6.00
CA LEU A 270 -2.05 9.93 6.97
C LEU A 270 -1.40 11.31 6.95
N VAL A 271 -0.08 11.38 6.77
CA VAL A 271 0.56 12.68 6.74
C VAL A 271 -0.03 13.50 5.59
N GLU A 272 -0.27 12.84 4.46
CA GLU A 272 -0.83 13.50 3.29
C GLU A 272 -2.28 13.94 3.53
N ILE A 273 -3.03 13.12 4.25
CA ILE A 273 -4.40 13.45 4.55
C ILE A 273 -4.44 14.68 5.48
N ILE A 274 -3.63 14.65 6.55
CA ILE A 274 -3.59 15.76 7.49
C ILE A 274 -3.12 17.06 6.85
N LYS A 275 -2.20 16.98 5.89
CA LYS A 275 -1.73 18.20 5.22
C LYS A 275 -2.90 18.92 4.56
N VAL A 276 -3.89 18.15 4.11
CA VAL A 276 -5.05 18.73 3.46
C VAL A 276 -6.19 18.99 4.42
N LEU A 277 -6.65 17.96 5.12
CA LEU A 277 -7.75 18.12 6.05
C LEU A 277 -7.39 18.79 7.36
N GLY A 278 -6.11 18.78 7.70
CA GLY A 278 -5.69 19.35 8.97
C GLY A 278 -5.75 18.26 10.02
N THR A 279 -5.09 18.47 11.16
CA THR A 279 -5.09 17.49 12.23
C THR A 279 -6.50 17.21 12.71
N PRO A 280 -6.83 15.93 12.96
CA PRO A 280 -8.17 15.60 13.43
C PRO A 280 -8.32 15.93 14.92
N THR A 281 -9.51 16.37 15.31
CA THR A 281 -9.77 16.64 16.72
C THR A 281 -9.89 15.28 17.41
N ARG A 282 -9.84 15.27 18.73
CA ARG A 282 -9.93 14.02 19.47
C ARG A 282 -11.32 13.42 19.26
N GLU A 283 -12.30 14.29 19.01
CA GLU A 283 -13.66 13.85 18.79
C GLU A 283 -13.78 13.11 17.45
N GLN A 284 -13.10 13.64 16.43
CA GLN A 284 -13.13 13.03 15.10
C GLN A 284 -12.38 11.70 15.16
N ILE A 285 -11.38 11.62 16.01
CA ILE A 285 -10.61 10.40 16.15
C ILE A 285 -11.49 9.31 16.74
N ARG A 286 -12.30 9.66 17.73
CA ARG A 286 -13.15 8.66 18.36
C ARG A 286 -14.17 8.10 17.37
N GLU A 287 -14.64 8.95 16.45
CA GLU A 287 -15.64 8.54 15.47
C GLU A 287 -15.09 7.56 14.43
N MET A 288 -13.78 7.62 14.18
CA MET A 288 -13.11 6.70 13.25
C MET A 288 -12.72 5.52 14.13
N ASN A 289 -12.30 5.87 15.35
CA ASN A 289 -11.96 4.97 16.44
C ASN A 289 -10.52 4.54 16.80
N PRO A 290 -10.14 3.26 16.54
CA PRO A 290 -8.76 2.86 16.90
C PRO A 290 -7.65 3.89 16.65
N PHE A 297 1.19 12.64 16.28
CA PHE A 297 0.09 13.59 16.22
C PHE A 297 0.57 14.96 15.76
N PRO A 298 1.27 15.01 14.60
CA PRO A 298 1.76 16.31 14.11
C PRO A 298 0.59 17.27 13.90
N GLN A 299 0.64 18.42 14.55
CA GLN A 299 -0.45 19.40 14.43
C GLN A 299 -0.32 20.41 13.30
N ILE A 300 -1.09 20.20 12.24
CA ILE A 300 -1.10 21.08 11.08
C ILE A 300 -2.51 21.65 10.91
N LYS A 301 -2.58 22.94 10.60
CA LYS A 301 -3.86 23.61 10.44
C LYS A 301 -4.45 23.44 9.03
N ALA A 302 -5.78 23.47 8.96
CA ALA A 302 -6.49 23.30 7.70
C ALA A 302 -5.92 24.04 6.48
N HIS A 303 -5.78 23.31 5.39
CA HIS A 303 -5.26 23.84 4.13
C HIS A 303 -6.42 24.11 3.17
N PRO A 304 -6.61 25.39 2.78
CA PRO A 304 -7.70 25.77 1.87
C PRO A 304 -7.81 24.86 0.64
N TRP A 305 -8.93 24.15 0.54
CA TRP A 305 -9.16 23.24 -0.56
C TRP A 305 -8.93 23.84 -1.95
N THR A 306 -9.16 25.14 -2.10
CA THR A 306 -8.98 25.77 -3.42
C THR A 306 -7.52 25.84 -3.82
N LYS A 307 -6.63 25.94 -2.83
CA LYS A 307 -5.20 26.01 -3.06
C LYS A 307 -4.66 24.60 -3.36
N VAL A 308 -5.53 23.60 -3.29
CA VAL A 308 -5.14 22.22 -3.55
C VAL A 308 -5.18 21.90 -5.04
N PHE A 309 -6.23 22.38 -5.70
CA PHE A 309 -6.43 22.15 -7.12
C PHE A 309 -5.94 23.30 -8.00
N ARG A 310 -5.79 23.02 -9.29
CA ARG A 310 -5.32 24.02 -10.24
C ARG A 310 -6.21 25.28 -10.25
N PRO A 311 -5.72 26.36 -10.87
CA PRO A 311 -6.43 27.63 -10.96
C PRO A 311 -7.88 27.63 -11.46
N ARG A 312 -8.17 26.99 -12.59
CA ARG A 312 -9.54 27.01 -13.10
C ARG A 312 -10.49 25.88 -12.69
N THR A 313 -10.24 25.25 -11.55
CA THR A 313 -11.09 24.16 -11.07
C THR A 313 -12.46 24.65 -10.63
N PRO A 314 -13.54 24.06 -11.18
CA PRO A 314 -14.92 24.42 -10.84
C PRO A 314 -15.12 24.43 -9.34
N PRO A 315 -15.70 25.50 -8.80
CA PRO A 315 -15.95 25.61 -7.36
C PRO A 315 -16.79 24.45 -6.81
N GLU A 316 -17.78 24.00 -7.58
CA GLU A 316 -18.67 22.91 -7.17
C GLU A 316 -17.93 21.57 -7.02
N ALA A 317 -16.90 21.36 -7.84
CA ALA A 317 -16.09 20.16 -7.81
C ALA A 317 -15.32 20.10 -6.50
N ILE A 318 -14.81 21.25 -6.09
CA ILE A 318 -14.05 21.39 -4.87
C ILE A 318 -14.97 21.21 -3.66
N ALA A 319 -16.18 21.78 -3.74
CA ALA A 319 -17.14 21.66 -2.65
C ALA A 319 -17.54 20.20 -2.45
N LEU A 320 -17.84 19.49 -3.53
CA LEU A 320 -18.23 18.07 -3.45
C LEU A 320 -17.10 17.28 -2.75
N CYS A 321 -15.87 17.50 -3.21
CA CYS A 321 -14.71 16.83 -2.64
C CYS A 321 -14.65 16.98 -1.13
N SER A 322 -14.79 18.22 -0.65
CA SER A 322 -14.71 18.45 0.78
C SER A 322 -15.84 17.79 1.57
N ARG A 323 -16.96 17.50 0.92
CA ARG A 323 -18.09 16.86 1.60
C ARG A 323 -17.99 15.34 1.56
N LEU A 324 -17.08 14.82 0.75
CA LEU A 324 -16.86 13.38 0.64
C LEU A 324 -15.69 12.96 1.52
N LEU A 325 -14.63 13.76 1.52
CA LEU A 325 -13.43 13.45 2.29
C LEU A 325 -13.46 14.08 3.67
N GLU A 326 -14.28 13.53 4.55
CA GLU A 326 -14.42 14.03 5.92
C GLU A 326 -13.92 12.95 6.85
N TYR A 327 -13.30 13.37 7.96
CA TYR A 327 -12.82 12.41 8.95
C TYR A 327 -13.98 11.64 9.53
N THR A 328 -14.99 12.35 10.01
CA THR A 328 -16.14 11.68 10.63
C THR A 328 -16.93 10.92 9.57
N PRO A 329 -16.97 9.58 9.68
CA PRO A 329 -17.70 8.77 8.70
C PRO A 329 -19.15 9.23 8.45
N THR A 330 -19.88 9.49 9.53
CA THR A 330 -21.28 9.92 9.44
C THR A 330 -21.46 11.30 8.83
N ALA A 331 -20.39 12.07 8.76
CA ALA A 331 -20.51 13.41 8.17
C ALA A 331 -20.37 13.42 6.62
N ARG A 332 -19.93 12.32 6.02
CA ARG A 332 -19.79 12.25 4.56
C ARG A 332 -21.16 12.14 3.89
N LEU A 333 -21.29 12.69 2.69
CA LEU A 333 -22.55 12.60 1.96
C LEU A 333 -22.83 11.13 1.67
N THR A 334 -24.09 10.81 1.38
CA THR A 334 -24.41 9.43 1.00
C THR A 334 -24.32 9.43 -0.51
N PRO A 335 -24.26 8.25 -1.14
CA PRO A 335 -24.18 8.23 -2.60
C PRO A 335 -25.30 9.02 -3.29
N LEU A 336 -26.52 8.87 -2.78
CA LEU A 336 -27.69 9.53 -3.37
C LEU A 336 -27.58 11.05 -3.22
N GLU A 337 -27.08 11.49 -2.07
CA GLU A 337 -26.90 12.92 -1.81
C GLU A 337 -25.83 13.46 -2.75
N ALA A 338 -24.82 12.64 -3.03
CA ALA A 338 -23.74 13.03 -3.93
C ALA A 338 -24.30 13.26 -5.34
N CYS A 339 -25.08 12.30 -5.85
CA CYS A 339 -25.69 12.42 -7.17
C CYS A 339 -26.49 13.71 -7.32
N ALA A 340 -27.12 14.15 -6.23
CA ALA A 340 -27.94 15.35 -6.23
C ALA A 340 -27.15 16.64 -6.08
N HIS A 341 -25.84 16.52 -5.90
CA HIS A 341 -24.98 17.70 -5.71
C HIS A 341 -24.97 18.63 -6.93
N SER A 342 -24.81 19.93 -6.70
CA SER A 342 -24.85 20.87 -7.82
C SER A 342 -23.73 20.66 -8.82
N PHE A 343 -22.64 20.00 -8.41
CA PHE A 343 -21.54 19.74 -9.32
C PHE A 343 -22.06 18.97 -10.54
N PHE A 344 -23.13 18.21 -10.34
CA PHE A 344 -23.72 17.43 -11.43
C PHE A 344 -24.88 18.10 -12.15
N ASP A 345 -25.17 19.36 -11.84
CA ASP A 345 -26.31 20.04 -12.50
C ASP A 345 -26.30 19.98 -14.05
N GLU A 346 -25.14 20.21 -14.65
CA GLU A 346 -25.03 20.16 -16.10
C GLU A 346 -25.53 18.84 -16.70
N LEU A 347 -25.39 17.73 -15.99
CA LEU A 347 -25.88 16.46 -16.52
C LEU A 347 -27.41 16.46 -16.57
N ARG A 348 -28.02 17.31 -15.77
CA ARG A 348 -29.48 17.38 -15.74
C ARG A 348 -30.07 18.36 -16.77
N ASP A 349 -29.20 19.08 -17.46
CA ASP A 349 -29.62 20.04 -18.47
C ASP A 349 -30.14 19.26 -19.66
N PRO A 350 -31.35 19.60 -20.12
CA PRO A 350 -31.94 18.91 -21.28
C PRO A 350 -31.10 18.99 -22.57
N ASN A 351 -30.23 19.99 -22.70
CA ASN A 351 -29.43 20.15 -23.91
C ASN A 351 -28.03 19.51 -23.90
N VAL A 352 -27.58 19.03 -22.74
CA VAL A 352 -26.25 18.43 -22.62
C VAL A 352 -26.02 17.29 -23.62
N LYS A 353 -24.81 17.24 -24.17
CA LYS A 353 -24.44 16.21 -25.14
C LYS A 353 -23.00 15.76 -24.87
N LEU A 354 -22.61 14.61 -25.42
CA LEU A 354 -21.25 14.14 -25.25
C LEU A 354 -20.39 14.89 -26.25
N PRO A 355 -19.07 14.98 -26.01
CA PRO A 355 -18.19 15.68 -26.95
C PRO A 355 -18.21 15.05 -28.35
N ASN A 356 -18.43 13.74 -28.42
CA ASN A 356 -18.47 13.06 -29.71
C ASN A 356 -19.81 13.27 -30.43
N GLY A 357 -20.65 14.12 -29.86
CA GLY A 357 -21.96 14.40 -30.43
C GLY A 357 -23.15 13.54 -30.01
N ARG A 358 -22.90 12.34 -29.49
CA ARG A 358 -23.99 11.45 -29.06
C ARG A 358 -24.70 11.94 -27.82
N ASP A 359 -25.82 11.30 -27.52
CA ASP A 359 -26.57 11.64 -26.32
C ASP A 359 -25.87 11.00 -25.14
N THR A 360 -26.09 11.57 -23.95
CA THR A 360 -25.52 11.03 -22.74
C THR A 360 -26.20 9.68 -22.49
N PRO A 361 -25.57 8.81 -21.71
CA PRO A 361 -26.23 7.53 -21.45
C PRO A 361 -27.37 7.71 -20.42
N ALA A 362 -28.02 6.60 -20.08
CA ALA A 362 -29.12 6.63 -19.10
C ALA A 362 -28.64 7.23 -17.77
N LEU A 363 -29.34 8.24 -17.27
CA LEU A 363 -28.92 8.87 -16.03
C LEU A 363 -30.01 9.09 -15.01
N PHE A 364 -31.26 9.05 -15.47
CA PHE A 364 -32.42 9.31 -14.62
C PHE A 364 -33.44 8.20 -14.39
N ASN A 365 -33.20 7.00 -14.93
CA ASN A 365 -34.11 5.87 -14.75
C ASN A 365 -34.02 5.24 -13.34
N PHE A 366 -34.23 6.05 -12.31
CA PHE A 366 -34.15 5.56 -10.93
C PHE A 366 -35.28 4.61 -10.52
N THR A 367 -34.95 3.56 -9.76
CA THR A 367 -35.97 2.62 -9.28
C THR A 367 -36.26 2.93 -7.81
N THR A 368 -37.35 2.39 -7.27
CA THR A 368 -37.71 2.61 -5.88
C THR A 368 -36.60 2.08 -4.99
N GLN A 369 -36.06 0.92 -5.36
CA GLN A 369 -34.98 0.32 -4.59
C GLN A 369 -33.84 1.31 -4.48
N GLU A 370 -33.44 1.86 -5.62
CA GLU A 370 -32.35 2.80 -5.70
C GLU A 370 -32.57 4.09 -4.90
N LEU A 371 -33.81 4.55 -4.80
CA LEU A 371 -34.11 5.78 -4.08
C LEU A 371 -34.48 5.58 -2.59
N SER A 372 -34.66 4.33 -2.16
CA SER A 372 -35.08 4.04 -0.78
C SER A 372 -34.38 4.72 0.37
N SER A 373 -33.11 5.09 0.23
CA SER A 373 -32.43 5.75 1.36
C SER A 373 -32.95 7.17 1.57
N ASN A 374 -33.58 7.74 0.54
CA ASN A 374 -34.06 9.12 0.66
C ASN A 374 -34.96 9.56 -0.50
N PRO A 375 -36.18 9.01 -0.60
CA PRO A 375 -37.16 9.32 -1.64
C PRO A 375 -37.32 10.78 -2.06
N PRO A 376 -37.39 11.71 -1.10
CA PRO A 376 -37.55 13.12 -1.48
C PRO A 376 -36.52 13.62 -2.49
N LEU A 377 -35.33 13.02 -2.50
CA LEU A 377 -34.28 13.42 -3.43
C LEU A 377 -34.69 13.28 -4.90
N ALA A 378 -35.73 12.49 -5.16
CA ALA A 378 -36.20 12.33 -6.52
C ALA A 378 -36.61 13.71 -7.10
N THR A 379 -37.06 14.63 -6.25
CA THR A 379 -37.47 15.94 -6.74
C THR A 379 -36.30 16.62 -7.41
N ILE A 380 -35.08 16.21 -7.06
CA ILE A 380 -33.88 16.78 -7.68
C ILE A 380 -33.27 15.85 -8.72
N LEU A 381 -33.16 14.58 -8.37
CA LEU A 381 -32.55 13.59 -9.26
C LEU A 381 -33.21 13.40 -10.62
N ILE A 382 -34.54 13.45 -10.67
CA ILE A 382 -35.25 13.27 -11.94
C ILE A 382 -35.67 14.63 -12.42
N PRO A 383 -34.94 15.24 -13.38
CA PRO A 383 -35.28 16.58 -13.89
C PRO A 383 -36.62 16.67 -14.64
N PRO A 384 -37.18 17.90 -14.74
CA PRO A 384 -38.45 18.16 -15.43
C PRO A 384 -38.60 17.50 -16.79
N HIS A 385 -37.62 17.70 -17.69
CA HIS A 385 -37.70 17.10 -19.01
C HIS A 385 -37.71 15.57 -18.94
N ALA A 386 -37.51 15.03 -17.73
CA ALA A 386 -37.54 13.58 -17.56
C ALA A 386 -38.94 13.19 -17.03
N ARG A 387 -39.68 14.20 -16.55
CA ARG A 387 -41.03 14.00 -16.05
C ARG A 387 -42.08 14.36 -17.10
N ILE A 388 -41.64 14.60 -18.33
CA ILE A 388 -42.57 14.94 -19.40
C ILE A 388 -42.85 13.71 -20.27
N GLN A 389 -43.88 13.83 -21.09
CA GLN A 389 -44.30 12.80 -22.03
C GLN A 389 -45.57 13.39 -22.65
N SER B 39 32.10 30.69 -3.43
CA SER B 39 30.90 29.82 -3.25
C SER B 39 30.29 29.99 -1.85
N LYS B 40 28.96 30.01 -1.79
CA LYS B 40 28.23 30.17 -0.54
C LYS B 40 28.60 29.17 0.57
N VAL B 41 29.43 29.61 1.51
CA VAL B 41 29.85 28.79 2.63
C VAL B 41 28.94 29.11 3.82
N THR B 42 28.38 28.08 4.45
CA THR B 42 27.49 28.30 5.59
C THR B 42 28.12 27.83 6.89
N THR B 43 27.95 28.62 7.94
CA THR B 43 28.51 28.28 9.24
C THR B 43 27.43 28.24 10.31
N VAL B 44 27.45 27.20 11.13
CA VAL B 44 26.44 27.09 12.18
C VAL B 44 27.07 26.58 13.44
N VAL B 45 26.36 26.68 14.57
CA VAL B 45 26.90 26.16 15.81
C VAL B 45 26.11 24.88 16.05
N ALA B 46 26.76 23.75 15.82
CA ALA B 46 26.11 22.46 15.94
C ALA B 46 26.58 21.60 17.09
N THR B 47 25.67 20.81 17.62
CA THR B 47 25.93 19.91 18.72
C THR B 47 26.35 18.52 18.20
N PRO B 48 27.46 17.98 18.72
CA PRO B 48 27.93 16.66 18.29
C PRO B 48 26.83 15.63 18.56
N GLY B 49 26.65 14.67 17.64
CA GLY B 49 25.63 13.65 17.77
C GLY B 49 25.64 12.76 19.00
N GLN B 50 26.79 12.21 19.38
CA GLN B 50 26.84 11.34 20.54
C GLN B 50 27.75 11.93 21.63
N GLY B 51 28.66 12.82 21.22
CA GLY B 51 29.57 13.45 22.15
C GLY B 51 28.87 14.17 23.28
N PRO B 52 29.61 14.98 24.06
CA PRO B 52 29.01 15.72 25.17
C PRO B 52 28.34 16.95 24.55
N ASP B 53 27.37 17.53 25.25
CA ASP B 53 26.67 18.71 24.74
C ASP B 53 27.58 19.93 24.71
N ARG B 54 28.47 19.95 23.73
CA ARG B 54 29.41 21.04 23.57
C ARG B 54 29.42 21.47 22.09
N PRO B 55 28.45 22.32 21.71
CA PRO B 55 28.36 22.80 20.32
C PRO B 55 29.65 23.37 19.77
N GLN B 56 29.87 23.17 18.48
CA GLN B 56 31.06 23.72 17.85
C GLN B 56 30.64 24.36 16.55
N GLU B 57 31.46 25.25 16.04
CA GLU B 57 31.14 25.91 14.78
C GLU B 57 31.45 24.93 13.65
N VAL B 58 30.48 24.77 12.74
CA VAL B 58 30.60 23.84 11.61
C VAL B 58 30.28 24.58 10.32
N SER B 59 31.17 24.47 9.34
CA SER B 59 30.94 25.12 8.06
C SER B 59 30.83 24.10 6.93
N TYR B 60 29.89 24.34 6.04
CA TYR B 60 29.70 23.46 4.91
C TYR B 60 29.38 24.27 3.67
N THR B 61 29.52 23.64 2.51
CA THR B 61 29.27 24.33 1.27
C THR B 61 28.74 23.33 0.23
N ASP B 62 28.45 23.82 -0.97
CA ASP B 62 27.94 23.02 -2.08
C ASP B 62 26.63 22.31 -1.78
N THR B 63 25.65 23.08 -1.35
CA THR B 63 24.35 22.56 -0.95
C THR B 63 23.37 22.36 -2.09
N LYS B 64 22.66 21.23 -2.06
CA LYS B 64 21.66 20.88 -3.09
C LYS B 64 20.64 19.86 -2.56
N VAL B 65 19.39 19.98 -2.98
CA VAL B 65 18.36 19.06 -2.54
C VAL B 65 18.57 17.68 -3.20
N ILE B 66 18.45 16.60 -2.42
CA ILE B 66 18.59 15.26 -2.98
C ILE B 66 17.39 14.40 -2.62
N GLY B 67 16.52 14.92 -1.77
CA GLY B 67 15.36 14.14 -1.41
C GLY B 67 14.29 14.93 -0.73
N ASN B 68 13.08 14.37 -0.71
CA ASN B 68 11.95 15.01 -0.07
C ASN B 68 11.35 14.01 0.91
N GLY B 69 11.94 13.97 2.10
CA GLY B 69 11.51 13.04 3.11
C GLY B 69 10.26 13.44 3.86
N SER B 70 9.11 13.23 3.22
CA SER B 70 7.79 13.52 3.79
C SER B 70 7.76 14.72 4.76
N PHE B 71 8.45 14.57 5.89
CA PHE B 71 8.56 15.60 6.92
C PHE B 71 9.43 16.77 6.51
N GLY B 72 10.00 16.73 5.31
CA GLY B 72 10.83 17.85 4.90
C GLY B 72 11.78 17.59 3.75
N VAL B 73 12.95 18.22 3.81
CA VAL B 73 13.93 18.09 2.75
C VAL B 73 15.24 17.49 3.25
N VAL B 74 15.96 16.82 2.34
CA VAL B 74 17.25 16.25 2.67
C VAL B 74 18.21 16.85 1.64
N TYR B 75 19.31 17.41 2.13
CA TYR B 75 20.30 18.03 1.26
C TYR B 75 21.64 17.32 1.26
N GLN B 76 22.41 17.50 0.21
CA GLN B 76 23.76 16.98 0.21
C GLN B 76 24.61 18.24 0.47
N ALA B 77 25.77 18.08 1.10
CA ALA B 77 26.64 19.21 1.38
C ALA B 77 28.04 18.68 1.66
N LYS B 78 29.00 19.57 1.52
CA LYS B 78 30.41 19.25 1.74
C LYS B 78 30.92 20.02 2.95
N LEU B 79 31.50 19.32 3.89
CA LEU B 79 32.06 19.98 5.07
C LEU B 79 33.33 20.69 4.64
N CYS B 80 33.39 21.99 4.93
CA CYS B 80 34.55 22.78 4.53
C CYS B 80 35.88 22.26 5.06
N ASP B 81 35.98 22.07 6.37
CA ASP B 81 37.24 21.60 6.92
C ASP B 81 37.71 20.26 6.35
N SER B 82 36.95 19.19 6.56
CA SER B 82 37.37 17.86 6.08
C SER B 82 37.14 17.54 4.60
N GLY B 83 36.19 18.22 3.97
CA GLY B 83 35.92 17.94 2.57
C GLY B 83 34.89 16.83 2.39
N GLU B 84 34.50 16.21 3.49
CA GLU B 84 33.52 15.12 3.50
C GLU B 84 32.10 15.50 3.11
N LEU B 85 31.42 14.58 2.42
CA LEU B 85 30.04 14.80 2.02
C LEU B 85 29.13 14.34 3.16
N VAL B 86 28.08 15.11 3.43
CA VAL B 86 27.13 14.74 4.46
C VAL B 86 25.73 14.96 3.89
N ALA B 87 24.75 14.38 4.56
CA ALA B 87 23.36 14.55 4.15
C ALA B 87 22.74 15.32 5.30
N ILE B 88 21.92 16.32 4.98
CA ILE B 88 21.28 17.09 6.01
C ILE B 88 19.80 16.97 5.89
N LYS B 89 19.17 16.44 6.94
CA LYS B 89 17.73 16.28 6.97
C LYS B 89 17.16 17.44 7.78
N LYS B 90 16.28 18.20 7.16
CA LYS B 90 15.63 19.36 7.77
C LYS B 90 14.13 19.24 7.89
N VAL B 91 13.63 19.21 9.11
CA VAL B 91 12.20 19.11 9.37
C VAL B 91 11.73 20.16 10.38
N LEU B 92 10.52 20.67 10.19
CA LEU B 92 9.92 21.66 11.09
C LEU B 92 9.74 21.04 12.47
N GLN B 93 10.09 21.79 13.52
CA GLN B 93 10.00 21.25 14.88
C GLN B 93 8.84 21.76 15.74
N ASP B 94 8.11 20.82 16.32
CA ASP B 94 6.95 21.05 17.20
C ASP B 94 7.13 22.11 18.30
N LYS B 95 8.31 22.10 18.93
CA LYS B 95 8.69 23.04 20.01
C LYS B 95 8.35 22.56 21.43
N ARG B 96 7.06 22.53 21.77
CA ARG B 96 6.67 22.07 23.10
C ARG B 96 6.77 20.56 23.17
N PHE B 97 7.52 19.95 22.25
CA PHE B 97 7.65 18.49 22.19
C PHE B 97 9.04 18.04 21.73
N LYS B 98 9.59 17.01 22.39
CA LYS B 98 10.92 16.46 22.05
C LYS B 98 10.81 15.70 20.73
N ASN B 99 11.76 15.89 19.81
CA ASN B 99 11.71 15.12 18.57
C ASN B 99 12.15 13.71 18.89
N ARG B 100 11.27 12.73 18.64
CA ARG B 100 11.56 11.33 18.92
C ARG B 100 12.73 10.77 18.09
N GLU B 101 12.75 11.10 16.79
CA GLU B 101 13.81 10.62 15.91
C GLU B 101 15.17 11.10 16.48
N LEU B 102 15.25 12.37 16.88
CA LEU B 102 16.50 12.90 17.44
C LEU B 102 16.92 12.13 18.69
N GLN B 103 15.97 11.94 19.62
CA GLN B 103 16.26 11.20 20.85
C GLN B 103 16.82 9.80 20.58
N ILE B 104 16.23 9.08 19.63
CA ILE B 104 16.73 7.75 19.34
C ILE B 104 18.12 7.81 18.68
N MET B 105 18.31 8.75 17.76
CA MET B 105 19.60 8.85 17.08
C MET B 105 20.77 9.25 17.96
N ARG B 106 20.49 9.97 19.04
CA ARG B 106 21.57 10.39 19.93
C ARG B 106 22.19 9.22 20.70
N LYS B 107 21.46 8.09 20.75
CA LYS B 107 21.95 6.90 21.44
C LYS B 107 22.62 5.86 20.52
N LEU B 108 22.61 6.08 19.21
CA LEU B 108 23.17 5.07 18.31
C LEU B 108 24.50 5.38 17.64
N ASP B 109 25.36 4.38 17.61
CA ASP B 109 26.64 4.52 16.95
C ASP B 109 27.07 3.13 16.57
N HIS B 110 26.77 2.77 15.33
CA HIS B 110 27.08 1.45 14.82
C HIS B 110 27.55 1.58 13.35
N CYS B 111 28.54 0.79 12.94
CA CYS B 111 29.07 0.89 11.58
C CYS B 111 28.06 0.56 10.48
N ASN B 112 26.96 -0.08 10.86
CA ASN B 112 25.95 -0.39 9.87
C ASN B 112 24.72 0.49 9.98
N ILE B 113 24.87 1.63 10.63
CA ILE B 113 23.76 2.56 10.75
C ILE B 113 24.19 3.97 10.37
N VAL B 114 23.38 4.67 9.59
CA VAL B 114 23.75 6.03 9.22
C VAL B 114 23.88 6.83 10.55
N ARG B 115 25.06 7.38 10.80
CA ARG B 115 25.28 8.11 12.03
C ARG B 115 24.89 9.58 12.05
N LEU B 116 24.34 10.03 13.18
CA LEU B 116 24.01 11.45 13.36
C LEU B 116 25.33 12.12 13.76
N ARG B 117 25.84 13.01 12.91
CA ARG B 117 27.11 13.66 13.24
C ARG B 117 26.92 14.91 14.09
N TYR B 118 25.93 15.72 13.71
CA TYR B 118 25.58 16.94 14.41
C TYR B 118 24.13 17.24 14.16
N PHE B 119 23.58 18.11 15.00
CA PHE B 119 22.21 18.58 14.84
C PHE B 119 22.23 20.02 15.29
N PHE B 120 21.35 20.81 14.69
CA PHE B 120 21.27 22.21 15.01
C PHE B 120 19.90 22.72 14.60
N TYR B 121 19.54 23.90 15.09
CA TYR B 121 18.27 24.52 14.78
C TYR B 121 18.50 25.74 13.93
N SER B 122 17.53 26.07 13.09
CA SER B 122 17.58 27.24 12.23
C SER B 122 16.14 27.66 11.91
N SER B 123 16.01 28.78 11.21
CA SER B 123 14.69 29.30 10.86
C SER B 123 14.70 29.79 9.43
N ASP B 128 7.53 32.32 10.53
CA ASP B 128 8.69 32.34 11.43
C ASP B 128 8.69 31.19 12.44
N GLU B 129 8.97 29.99 11.95
CA GLU B 129 9.01 28.80 12.77
C GLU B 129 10.40 28.21 12.90
N VAL B 130 10.51 27.15 13.69
CA VAL B 130 11.78 26.52 13.95
C VAL B 130 12.02 25.17 13.26
N TYR B 131 13.22 25.01 12.72
CA TYR B 131 13.61 23.78 12.04
C TYR B 131 14.76 23.04 12.69
N LEU B 132 14.63 21.73 12.75
CA LEU B 132 15.65 20.85 13.27
C LEU B 132 16.41 20.28 12.06
N ASN B 133 17.73 20.37 12.10
CA ASN B 133 18.58 19.88 11.02
C ASN B 133 19.49 18.75 11.54
N LEU B 134 19.40 17.58 10.93
CA LEU B 134 20.23 16.44 11.32
C LEU B 134 21.32 16.28 10.27
N VAL B 135 22.59 16.39 10.70
CA VAL B 135 23.72 16.21 9.81
C VAL B 135 24.14 14.74 9.94
N LEU B 136 23.94 14.00 8.84
CA LEU B 136 24.16 12.56 8.75
C LEU B 136 25.23 12.13 7.76
N ASP B 137 25.73 10.90 7.91
CA ASP B 137 26.68 10.35 6.95
C ASP B 137 25.98 10.39 5.57
N TYR B 138 26.73 10.64 4.50
CA TYR B 138 26.18 10.63 3.15
C TYR B 138 26.57 9.25 2.57
N VAL B 139 25.62 8.56 1.92
CA VAL B 139 25.87 7.25 1.34
C VAL B 139 25.18 7.32 -0.02
N PRO B 140 25.97 7.15 -1.11
CA PRO B 140 25.52 7.22 -2.52
C PRO B 140 24.48 6.27 -3.11
N GLU B 141 24.55 4.98 -2.80
CA GLU B 141 23.57 4.08 -3.41
C GLU B 141 22.59 3.45 -2.42
N THR B 142 21.75 2.52 -2.91
CA THR B 142 20.77 1.82 -2.07
C THR B 142 20.53 0.39 -2.59
N VAL B 143 20.08 -0.51 -1.71
CA VAL B 143 19.79 -1.87 -2.10
C VAL B 143 18.69 -1.81 -3.17
N TYR B 144 17.74 -0.92 -2.96
CA TYR B 144 16.64 -0.75 -3.92
C TYR B 144 17.18 -0.49 -5.34
N ARG B 145 18.01 0.54 -5.50
CA ARG B 145 18.58 0.89 -6.80
C ARG B 145 19.46 -0.21 -7.43
N VAL B 146 20.33 -0.82 -6.61
CA VAL B 146 21.23 -1.89 -7.09
C VAL B 146 20.44 -3.12 -7.52
N ALA B 147 19.42 -3.50 -6.74
CA ALA B 147 18.58 -4.66 -7.08
C ALA B 147 17.82 -4.45 -8.40
N ARG B 148 17.34 -3.25 -8.61
CA ARG B 148 16.61 -2.91 -9.82
C ARG B 148 17.52 -3.00 -11.06
N HIS B 149 18.79 -2.63 -10.89
CA HIS B 149 19.73 -2.73 -11.98
C HIS B 149 19.83 -4.18 -12.49
N TYR B 150 20.03 -5.13 -11.59
CA TYR B 150 20.12 -6.53 -11.98
C TYR B 150 18.78 -7.03 -12.50
N SER B 151 17.71 -6.64 -11.84
CA SER B 151 16.36 -7.06 -12.20
C SER B 151 15.99 -6.73 -13.64
N ARG B 152 16.12 -5.47 -14.05
CA ARG B 152 15.77 -5.16 -15.42
C ARG B 152 16.81 -5.56 -16.44
N ALA B 153 17.87 -6.22 -15.97
CA ALA B 153 18.91 -6.71 -16.86
C ALA B 153 18.79 -8.23 -16.81
N LYS B 154 17.68 -8.73 -16.28
CA LYS B 154 17.42 -10.16 -16.16
C LYS B 154 18.58 -10.92 -15.53
N GLN B 155 19.36 -10.21 -14.70
CA GLN B 155 20.53 -10.79 -14.01
C GLN B 155 20.22 -11.06 -12.54
N THR B 156 20.86 -12.05 -11.98
CA THR B 156 20.69 -12.40 -10.56
C THR B 156 21.76 -11.66 -9.79
N LEU B 157 21.42 -11.13 -8.62
CA LEU B 157 22.44 -10.45 -7.81
C LEU B 157 23.34 -11.58 -7.27
N PRO B 158 24.66 -11.53 -7.53
CA PRO B 158 25.55 -12.59 -7.02
C PRO B 158 25.33 -12.79 -5.53
N VAL B 159 25.17 -14.04 -5.10
CA VAL B 159 24.90 -14.27 -3.69
C VAL B 159 25.96 -13.76 -2.74
N ILE B 160 27.16 -13.49 -3.22
CA ILE B 160 28.16 -12.97 -2.31
C ILE B 160 27.64 -11.62 -1.79
N TYR B 161 26.94 -10.86 -2.64
CA TYR B 161 26.36 -9.58 -2.24
C TYR B 161 25.10 -9.78 -1.39
N VAL B 162 24.29 -10.78 -1.70
CA VAL B 162 23.10 -11.05 -0.90
C VAL B 162 23.57 -11.33 0.54
N LYS B 163 24.65 -12.10 0.67
CA LYS B 163 25.22 -12.43 1.96
C LYS B 163 25.73 -11.21 2.72
N LEU B 164 26.55 -10.40 2.05
CA LEU B 164 27.11 -9.20 2.64
C LEU B 164 26.05 -8.19 3.10
N TYR B 165 25.07 -7.93 2.24
CA TYR B 165 24.02 -6.99 2.55
C TYR B 165 23.10 -7.47 3.68
N MET B 166 22.62 -8.71 3.60
CA MET B 166 21.72 -9.25 4.64
C MET B 166 22.39 -9.37 6.00
N TYR B 167 23.66 -9.76 6.00
CA TYR B 167 24.41 -9.89 7.23
C TYR B 167 24.50 -8.54 7.93
N GLN B 168 24.85 -7.50 7.18
CA GLN B 168 24.99 -6.18 7.79
C GLN B 168 23.65 -5.63 8.27
N LEU B 169 22.56 -5.98 7.59
CA LEU B 169 21.26 -5.51 8.02
C LEU B 169 20.93 -6.18 9.36
N PHE B 170 21.17 -7.49 9.47
CA PHE B 170 20.90 -8.18 10.72
C PHE B 170 21.76 -7.63 11.87
N ARG B 171 23.00 -7.23 11.57
CA ARG B 171 23.85 -6.67 12.62
C ARG B 171 23.24 -5.37 13.12
N SER B 172 22.75 -4.53 12.21
CA SER B 172 22.16 -3.27 12.64
C SER B 172 20.86 -3.51 13.44
N LEU B 173 20.11 -4.55 13.09
CA LEU B 173 18.88 -4.85 13.82
C LEU B 173 19.20 -5.39 15.24
N ALA B 174 20.18 -6.27 15.34
CA ALA B 174 20.57 -6.80 16.64
C ALA B 174 20.97 -5.63 17.54
N TYR B 175 21.66 -4.65 16.96
CA TYR B 175 22.09 -3.52 17.74
C TYR B 175 20.94 -2.63 18.21
N ILE B 176 20.06 -2.20 17.31
CA ILE B 176 18.98 -1.34 17.78
C ILE B 176 17.98 -2.11 18.68
N HIS B 177 17.73 -3.37 18.40
CA HIS B 177 16.82 -4.13 19.22
C HIS B 177 17.39 -4.30 20.64
N SER B 178 18.72 -4.25 20.78
CA SER B 178 19.31 -4.42 22.11
C SER B 178 18.92 -3.23 23.02
N PHE B 179 18.50 -2.11 22.43
CA PHE B 179 18.07 -0.98 23.24
C PHE B 179 16.54 -1.00 23.33
N GLY B 180 15.93 -2.04 22.78
CA GLY B 180 14.48 -2.13 22.76
C GLY B 180 13.83 -1.31 21.64
N ILE B 181 14.65 -0.78 20.72
CA ILE B 181 14.15 0.04 19.61
C ILE B 181 13.80 -0.79 18.39
N CYS B 182 12.61 -0.56 17.82
CA CYS B 182 12.16 -1.27 16.62
C CYS B 182 12.12 -0.20 15.54
N HIS B 183 12.70 -0.50 14.38
CA HIS B 183 12.78 0.45 13.26
C HIS B 183 11.40 0.75 12.64
N ARG B 184 10.64 -0.32 12.43
CA ARG B 184 9.28 -0.27 11.86
C ARG B 184 9.13 0.18 10.39
N ASP B 185 10.22 0.26 9.64
CA ASP B 185 10.08 0.61 8.23
C ASP B 185 11.27 0.06 7.41
N ILE B 186 11.55 -1.22 7.61
CA ILE B 186 12.64 -1.89 6.93
C ILE B 186 12.16 -2.17 5.51
N LYS B 187 12.91 -1.66 4.53
CA LYS B 187 12.61 -1.84 3.13
C LYS B 187 13.87 -1.46 2.34
N PRO B 188 14.01 -1.96 1.10
CA PRO B 188 15.19 -1.69 0.25
C PRO B 188 15.63 -0.21 0.13
N GLN B 189 14.68 0.73 0.09
CA GLN B 189 15.02 2.13 -0.03
C GLN B 189 15.66 2.76 1.22
N ASN B 190 15.63 2.02 2.33
CA ASN B 190 16.24 2.50 3.58
C ASN B 190 17.53 1.76 3.90
N LEU B 191 18.03 0.99 2.94
CA LEU B 191 19.31 0.28 3.10
C LEU B 191 20.33 0.97 2.16
N LEU B 192 21.10 1.91 2.67
CA LEU B 192 22.06 2.63 1.84
C LEU B 192 23.34 1.81 1.64
N LEU B 193 23.99 2.00 0.48
CA LEU B 193 25.18 1.24 0.15
C LEU B 193 26.29 2.08 -0.42
N ASP B 194 27.53 1.69 -0.14
CA ASP B 194 28.68 2.34 -0.73
C ASP B 194 29.17 1.22 -1.66
N PRO B 195 29.05 1.41 -2.99
CA PRO B 195 29.45 0.42 -4.02
C PRO B 195 30.86 -0.20 -3.90
N ASP B 196 31.86 0.64 -3.69
CA ASP B 196 33.22 0.15 -3.60
C ASP B 196 33.53 -0.71 -2.39
N THR B 197 33.08 -0.28 -1.22
CA THR B 197 33.38 -1.00 0.00
C THR B 197 32.37 -2.07 0.35
N ALA B 198 31.19 -2.00 -0.26
CA ALA B 198 30.11 -2.94 0.01
C ALA B 198 29.58 -2.78 1.45
N VAL B 199 29.75 -1.58 2.01
CA VAL B 199 29.27 -1.30 3.36
C VAL B 199 27.78 -0.95 3.23
N LEU B 200 26.94 -1.48 4.11
CA LEU B 200 25.52 -1.16 4.11
C LEU B 200 25.21 -0.43 5.41
N LYS B 201 24.33 0.58 5.33
CA LYS B 201 23.93 1.33 6.52
C LYS B 201 22.44 1.57 6.52
N LEU B 202 21.79 1.22 7.62
CA LEU B 202 20.36 1.42 7.77
C LEU B 202 20.09 2.90 8.01
N CYS B 203 19.03 3.43 7.41
CA CYS B 203 18.70 4.84 7.64
C CYS B 203 17.21 5.06 7.84
N ASP B 204 16.86 6.32 8.10
CA ASP B 204 15.51 6.81 8.34
C ASP B 204 14.84 6.24 9.59
N PHE B 205 15.07 6.89 10.73
CA PHE B 205 14.48 6.44 11.99
C PHE B 205 13.21 7.22 12.36
N GLY B 206 12.57 7.82 11.35
CA GLY B 206 11.34 8.58 11.54
C GLY B 206 10.12 7.78 12.03
N SER B 207 10.16 6.45 11.91
CA SER B 207 9.04 5.62 12.37
C SER B 207 9.47 4.78 13.56
N ALA B 208 10.76 4.86 13.92
CA ALA B 208 11.32 4.05 14.99
C ALA B 208 10.74 4.40 16.36
N LYS B 209 10.71 3.41 17.23
CA LYS B 209 10.17 3.62 18.56
C LYS B 209 10.56 2.51 19.52
N GLN B 210 10.79 2.89 20.77
CA GLN B 210 11.11 1.87 21.77
C GLN B 210 9.81 1.17 22.14
N LEU B 211 9.77 -0.15 21.96
CA LEU B 211 8.58 -0.92 22.27
C LEU B 211 8.64 -1.45 23.69
N VAL B 212 7.68 -1.03 24.51
CA VAL B 212 7.57 -1.47 25.91
C VAL B 212 6.40 -2.45 26.06
N ARG B 213 6.67 -3.66 26.54
CA ARG B 213 5.59 -4.65 26.71
C ARG B 213 4.39 -4.06 27.48
N GLY B 214 3.19 -4.52 27.12
CA GLY B 214 2.01 -4.01 27.77
C GLY B 214 1.53 -2.69 27.20
N GLU B 215 2.37 -2.00 26.45
CA GLU B 215 1.99 -0.74 25.83
C GLU B 215 1.54 -0.98 24.39
N PRO B 216 0.51 -0.26 23.95
CA PRO B 216 0.00 -0.41 22.58
C PRO B 216 0.74 0.46 21.57
N ASN B 217 0.84 -0.01 20.33
CA ASN B 217 1.53 0.76 19.30
C ASN B 217 0.69 0.73 18.02
N VAL B 218 0.74 1.79 17.23
CA VAL B 218 -0.04 1.84 16.00
C VAL B 218 0.31 0.70 15.05
N SER B 219 -0.69 0.22 14.32
CA SER B 219 -0.45 -0.88 13.41
C SER B 219 -0.30 -0.44 11.96
N TYR B 220 -0.41 0.85 11.68
CA TYR B 220 -0.30 1.30 10.31
C TYR B 220 1.12 1.75 9.89
N ILE B 221 2.12 1.20 10.57
CA ILE B 221 3.51 1.51 10.20
C ILE B 221 3.97 0.42 9.24
N CYS B 222 5.14 0.66 8.66
CA CYS B 222 5.78 -0.27 7.72
C CYS B 222 5.15 -0.15 6.33
N SER B 223 5.97 -0.31 5.30
CA SER B 223 5.52 -0.17 3.93
C SER B 223 5.03 -1.45 3.29
N ARG B 224 4.11 -1.29 2.33
CA ARG B 224 3.52 -2.39 1.58
C ARG B 224 4.56 -3.29 0.93
N TYR B 225 4.34 -4.60 1.13
CA TYR B 225 5.20 -5.69 0.66
C TYR B 225 6.04 -6.19 1.82
N TYR B 226 6.38 -5.31 2.76
CA TYR B 226 7.24 -5.72 3.86
C TYR B 226 6.57 -5.82 5.25
N ARG B 227 5.25 -5.66 5.29
CA ARG B 227 4.54 -5.70 6.56
C ARG B 227 4.29 -7.12 7.05
N ALA B 228 4.60 -7.36 8.32
CA ALA B 228 4.38 -8.68 8.91
C ALA B 228 2.86 -8.92 8.97
N PRO B 229 2.45 -10.19 8.98
CA PRO B 229 1.03 -10.57 9.02
C PRO B 229 0.30 -9.96 10.22
N GLU B 230 0.92 -10.00 11.39
CA GLU B 230 0.28 -9.44 12.56
C GLU B 230 -0.09 -7.97 12.35
N LEU B 231 0.69 -7.25 11.52
CA LEU B 231 0.39 -5.85 11.26
C LEU B 231 -0.78 -5.75 10.26
N ILE B 232 -0.82 -6.66 9.28
CA ILE B 232 -1.89 -6.64 8.30
C ILE B 232 -3.20 -6.95 9.03
N PHE B 233 -3.14 -7.84 10.03
CA PHE B 233 -4.32 -8.19 10.83
C PHE B 233 -4.63 -7.12 11.87
N GLY B 234 -3.85 -6.05 11.91
CA GLY B 234 -4.12 -4.96 12.84
C GLY B 234 -3.72 -5.04 14.31
N ALA B 235 -2.79 -5.93 14.66
CA ALA B 235 -2.36 -6.07 16.04
C ALA B 235 -1.70 -4.79 16.55
N THR B 236 -1.81 -4.54 17.85
CA THR B 236 -1.23 -3.34 18.47
C THR B 236 -0.25 -3.71 19.58
N ASP B 237 -0.05 -5.02 19.75
CA ASP B 237 0.86 -5.55 20.79
C ASP B 237 2.02 -6.33 20.15
N TYR B 238 2.39 -5.95 18.93
CA TYR B 238 3.47 -6.62 18.23
C TYR B 238 4.83 -6.29 18.86
N THR B 239 5.83 -7.10 18.54
CA THR B 239 7.18 -6.91 19.05
C THR B 239 8.15 -6.56 17.93
N SER B 240 9.43 -6.49 18.30
CA SER B 240 10.48 -6.17 17.35
C SER B 240 10.60 -7.20 16.25
N SER B 241 9.97 -8.36 16.41
CA SER B 241 10.08 -9.36 15.37
C SER B 241 9.40 -8.94 14.06
N ILE B 242 8.72 -7.80 14.03
CA ILE B 242 8.12 -7.36 12.77
C ILE B 242 9.29 -6.95 11.83
N ASP B 243 10.36 -6.39 12.43
CA ASP B 243 11.54 -5.98 11.68
C ASP B 243 12.18 -7.21 11.04
N VAL B 244 12.12 -8.35 11.72
CA VAL B 244 12.71 -9.59 11.20
C VAL B 244 11.92 -10.10 10.00
N TRP B 245 10.59 -9.98 10.05
CA TRP B 245 9.75 -10.40 8.92
C TRP B 245 10.12 -9.54 7.72
N SER B 246 10.21 -8.23 7.94
CA SER B 246 10.58 -7.29 6.87
C SER B 246 11.91 -7.69 6.25
N ALA B 247 12.90 -7.99 7.10
CA ALA B 247 14.21 -8.40 6.62
C ALA B 247 14.08 -9.68 5.77
N GLY B 248 13.22 -10.60 6.20
CA GLY B 248 13.03 -11.82 5.43
C GLY B 248 12.45 -11.51 4.03
N CYS B 249 11.58 -10.51 3.94
CA CYS B 249 11.00 -10.13 2.66
C CYS B 249 12.10 -9.53 1.78
N VAL B 250 13.04 -8.79 2.37
CA VAL B 250 14.13 -8.22 1.58
C VAL B 250 15.05 -9.34 1.03
N LEU B 251 15.36 -10.33 1.87
CA LEU B 251 16.19 -11.45 1.42
C LEU B 251 15.47 -12.20 0.30
N ALA B 252 14.21 -12.57 0.51
CA ALA B 252 13.45 -13.29 -0.51
C ALA B 252 13.49 -12.53 -1.84
N GLU B 253 13.29 -11.22 -1.76
CA GLU B 253 13.29 -10.37 -2.93
C GLU B 253 14.64 -10.36 -3.68
N LEU B 254 15.75 -10.36 -2.95
CA LEU B 254 17.06 -10.35 -3.61
C LEU B 254 17.34 -11.70 -4.30
N LEU B 255 16.77 -12.77 -3.76
CA LEU B 255 16.96 -14.10 -4.35
C LEU B 255 16.04 -14.29 -5.55
N LEU B 256 14.81 -13.79 -5.45
CA LEU B 256 13.82 -13.90 -6.51
C LEU B 256 13.91 -12.92 -7.65
N GLY B 257 14.41 -11.71 -7.40
CA GLY B 257 14.47 -10.72 -8.47
C GLY B 257 13.26 -9.80 -8.45
N GLN B 258 12.34 -10.07 -7.51
CA GLN B 258 11.13 -9.26 -7.38
C GLN B 258 10.53 -9.51 -6.00
N PRO B 259 9.63 -8.62 -5.54
CA PRO B 259 8.97 -8.76 -4.23
C PRO B 259 8.29 -10.13 -4.05
N ILE B 260 8.44 -10.74 -2.89
CA ILE B 260 7.80 -12.05 -2.70
C ILE B 260 6.31 -11.99 -2.32
N PHE B 261 5.86 -10.93 -1.64
CA PHE B 261 4.46 -10.81 -1.23
C PHE B 261 3.82 -9.49 -1.68
N PRO B 262 3.69 -9.29 -3.00
CA PRO B 262 3.11 -8.08 -3.58
C PRO B 262 1.59 -8.03 -3.39
N GLY B 263 1.02 -6.86 -3.59
CA GLY B 263 -0.42 -6.70 -3.44
C GLY B 263 -0.72 -5.26 -3.04
N ASP B 264 -1.76 -4.68 -3.63
CA ASP B 264 -2.14 -3.30 -3.34
C ASP B 264 -3.02 -3.15 -2.11
N SER B 265 -3.58 -4.26 -1.65
CA SER B 265 -4.41 -4.23 -0.46
C SER B 265 -3.91 -5.34 0.48
N GLY B 266 -4.24 -5.23 1.76
CA GLY B 266 -3.84 -6.24 2.73
C GLY B 266 -4.33 -7.61 2.30
N VAL B 267 -5.56 -7.63 1.80
CA VAL B 267 -6.20 -8.86 1.32
C VAL B 267 -5.34 -9.56 0.28
N ASP B 268 -4.88 -8.82 -0.73
CA ASP B 268 -4.05 -9.44 -1.77
C ASP B 268 -2.70 -9.88 -1.23
N GLN B 269 -2.13 -9.09 -0.34
CA GLN B 269 -0.84 -9.43 0.26
C GLN B 269 -1.00 -10.76 1.01
N LEU B 270 -2.07 -10.91 1.80
CA LEU B 270 -2.30 -12.16 2.53
C LEU B 270 -2.48 -13.36 1.61
N VAL B 271 -3.20 -13.19 0.50
CA VAL B 271 -3.38 -14.30 -0.42
C VAL B 271 -2.01 -14.80 -0.88
N GLU B 272 -1.09 -13.86 -1.15
CA GLU B 272 0.26 -14.22 -1.59
C GLU B 272 1.05 -14.91 -0.49
N ILE B 273 0.86 -14.46 0.74
CA ILE B 273 1.53 -15.07 1.86
C ILE B 273 1.03 -16.50 2.06
N ILE B 274 -0.29 -16.69 2.03
CA ILE B 274 -0.88 -18.02 2.20
C ILE B 274 -0.49 -18.99 1.08
N LYS B 275 -0.35 -18.49 -0.13
CA LYS B 275 0.04 -19.35 -1.24
C LYS B 275 1.39 -19.99 -0.94
N VAL B 276 2.25 -19.29 -0.22
CA VAL B 276 3.57 -19.80 0.11
C VAL B 276 3.60 -20.52 1.46
N LEU B 277 3.19 -19.83 2.51
CA LEU B 277 3.20 -20.43 3.85
C LEU B 277 2.05 -21.38 4.12
N GLY B 278 1.00 -21.30 3.32
CA GLY B 278 -0.16 -22.15 3.54
C GLY B 278 -1.09 -21.47 4.53
N THR B 279 -2.33 -21.92 4.61
CA THR B 279 -3.28 -21.32 5.52
C THR B 279 -2.79 -21.42 6.96
N PRO B 280 -2.97 -20.35 7.75
CA PRO B 280 -2.53 -20.39 9.14
C PRO B 280 -3.51 -21.17 10.00
N THR B 281 -2.99 -21.86 11.01
CA THR B 281 -3.86 -22.61 11.92
C THR B 281 -4.51 -21.56 12.80
N ARG B 282 -5.55 -21.95 13.55
CA ARG B 282 -6.24 -21.00 14.42
C ARG B 282 -5.29 -20.58 15.54
N GLU B 283 -4.35 -21.46 15.87
CA GLU B 283 -3.39 -21.18 16.93
C GLU B 283 -2.41 -20.10 16.47
N GLN B 284 -1.97 -20.19 15.22
CA GLN B 284 -1.05 -19.20 14.66
C GLN B 284 -1.75 -17.85 14.53
N ILE B 285 -3.04 -17.88 14.23
CA ILE B 285 -3.78 -16.64 14.11
C ILE B 285 -3.88 -16.00 15.49
N ARG B 286 -4.19 -16.79 16.51
CA ARG B 286 -4.31 -16.27 17.86
C ARG B 286 -3.04 -15.57 18.33
N GLU B 287 -1.88 -16.10 17.92
CA GLU B 287 -0.58 -15.52 18.28
C GLU B 287 -0.25 -14.22 17.57
N MET B 288 -1.02 -13.90 16.53
CA MET B 288 -0.86 -12.68 15.77
C MET B 288 -1.87 -11.62 16.23
N ASN B 289 -3.15 -12.00 16.32
CA ASN B 289 -4.23 -11.06 16.72
C ASN B 289 -5.58 -11.78 16.94
N PRO B 290 -6.54 -11.11 17.63
CA PRO B 290 -7.88 -11.69 17.88
C PRO B 290 -8.63 -12.13 16.62
N PHE B 297 -10.26 -17.23 5.50
CA PHE B 297 -10.06 -18.67 5.65
C PHE B 297 -9.95 -19.34 4.27
N PRO B 298 -9.07 -18.83 3.39
CA PRO B 298 -8.86 -19.36 2.04
C PRO B 298 -8.61 -20.88 1.83
N GLN B 299 -8.16 -21.58 2.88
CA GLN B 299 -7.92 -23.03 2.81
C GLN B 299 -6.88 -23.55 1.81
N ILE B 300 -5.73 -22.90 1.72
CA ILE B 300 -4.67 -23.31 0.81
C ILE B 300 -3.60 -24.08 1.58
N LYS B 301 -2.83 -24.91 0.89
CA LYS B 301 -1.80 -25.69 1.55
C LYS B 301 -0.39 -25.31 1.10
N ALA B 302 0.52 -25.36 2.06
CA ALA B 302 1.93 -25.00 1.87
C ALA B 302 2.60 -25.39 0.56
N HIS B 303 3.36 -24.46 0.01
CA HIS B 303 4.11 -24.70 -1.22
C HIS B 303 5.58 -24.82 -0.84
N PRO B 304 6.26 -25.88 -1.30
CA PRO B 304 7.68 -26.14 -1.00
C PRO B 304 8.58 -24.92 -1.15
N TRP B 305 9.14 -24.44 -0.03
CA TRP B 305 10.03 -23.29 -0.08
C TRP B 305 11.09 -23.49 -1.15
N THR B 306 11.43 -24.74 -1.41
CA THR B 306 12.43 -25.05 -2.41
C THR B 306 11.97 -24.69 -3.80
N LYS B 307 10.67 -24.87 -4.05
CA LYS B 307 10.08 -24.58 -5.35
C LYS B 307 9.73 -23.09 -5.56
N VAL B 308 9.85 -22.29 -4.50
CA VAL B 308 9.57 -20.86 -4.58
C VAL B 308 10.68 -20.15 -5.39
N PHE B 309 11.93 -20.53 -5.13
CA PHE B 309 13.08 -19.92 -5.80
C PHE B 309 13.63 -20.73 -6.98
N ARG B 310 14.37 -20.05 -7.85
CA ARG B 310 14.96 -20.70 -9.01
C ARG B 310 15.80 -21.89 -8.55
N PRO B 311 16.14 -22.79 -9.49
CA PRO B 311 16.93 -24.00 -9.21
C PRO B 311 18.32 -23.82 -8.55
N ARG B 312 19.17 -22.97 -9.11
CA ARG B 312 20.52 -22.79 -8.52
C ARG B 312 20.57 -21.97 -7.22
N THR B 313 19.45 -21.84 -6.52
CA THR B 313 19.39 -21.08 -5.26
C THR B 313 20.02 -21.86 -4.09
N PRO B 314 21.04 -21.27 -3.44
CA PRO B 314 21.70 -21.92 -2.31
C PRO B 314 20.72 -22.44 -1.26
N PRO B 315 20.80 -23.73 -0.94
CA PRO B 315 19.92 -24.35 0.05
C PRO B 315 19.86 -23.60 1.38
N GLU B 316 21.00 -23.10 1.81
CA GLU B 316 21.09 -22.34 3.07
C GLU B 316 20.28 -21.05 3.02
N ALA B 317 20.22 -20.45 1.82
CA ALA B 317 19.47 -19.22 1.61
C ALA B 317 17.99 -19.48 1.78
N ILE B 318 17.55 -20.63 1.30
CA ILE B 318 16.17 -21.04 1.37
C ILE B 318 15.81 -21.37 2.83
N ALA B 319 16.73 -22.05 3.52
CA ALA B 319 16.53 -22.41 4.91
C ALA B 319 16.40 -21.16 5.80
N LEU B 320 17.28 -20.19 5.60
CA LEU B 320 17.22 -18.95 6.37
C LEU B 320 15.87 -18.28 6.14
N CYS B 321 15.46 -18.18 4.88
CA CYS B 321 14.15 -17.58 4.55
C CYS B 321 13.01 -18.19 5.34
N SER B 322 12.94 -19.52 5.34
CA SER B 322 11.84 -20.17 6.05
C SER B 322 11.88 -19.94 7.57
N ARG B 323 13.04 -19.61 8.12
CA ARG B 323 13.14 -19.37 9.55
C ARG B 323 12.85 -17.93 9.91
N LEU B 324 12.79 -17.06 8.91
CA LEU B 324 12.50 -15.63 9.11
C LEU B 324 11.02 -15.36 8.87
N LEU B 325 10.48 -15.96 7.81
CA LEU B 325 9.10 -15.78 7.44
C LEU B 325 8.16 -16.82 8.06
N GLU B 326 7.95 -16.70 9.38
CA GLU B 326 7.08 -17.61 10.11
C GLU B 326 5.89 -16.83 10.62
N TYR B 327 4.72 -17.46 10.66
CA TYR B 327 3.51 -16.82 11.16
C TYR B 327 3.68 -16.44 12.62
N THR B 328 4.07 -17.40 13.44
CA THR B 328 4.24 -17.13 14.86
C THR B 328 5.42 -16.19 15.07
N PRO B 329 5.15 -14.98 15.57
CA PRO B 329 6.23 -14.01 15.81
C PRO B 329 7.41 -14.56 16.63
N THR B 330 7.10 -15.23 17.73
CA THR B 330 8.12 -15.80 18.61
C THR B 330 8.92 -16.91 17.96
N ALA B 331 8.44 -17.48 16.87
CA ALA B 331 9.17 -18.55 16.20
C ALA B 331 10.25 -18.07 15.18
N ARG B 332 10.26 -16.77 14.87
CA ARG B 332 11.24 -16.23 13.92
C ARG B 332 12.60 -16.08 14.60
N LEU B 333 13.69 -16.24 13.84
CA LEU B 333 15.01 -16.10 14.41
C LEU B 333 15.18 -14.67 14.90
N THR B 334 16.14 -14.44 15.81
CA THR B 334 16.42 -13.08 16.26
C THR B 334 17.52 -12.60 15.31
N PRO B 335 17.75 -11.29 15.25
CA PRO B 335 18.80 -10.79 14.35
C PRO B 335 20.16 -11.45 14.57
N LEU B 336 20.53 -11.63 15.83
CA LEU B 336 21.82 -12.22 16.18
C LEU B 336 21.89 -13.68 15.73
N GLU B 337 20.80 -14.41 15.90
CA GLU B 337 20.72 -15.80 15.46
C GLU B 337 20.81 -15.87 13.94
N ALA B 338 20.26 -14.86 13.27
CA ALA B 338 20.29 -14.80 11.81
C ALA B 338 21.74 -14.65 11.35
N CYS B 339 22.46 -13.71 11.95
CA CYS B 339 23.86 -13.47 11.62
C CYS B 339 24.69 -14.74 11.72
N ALA B 340 24.35 -15.60 12.69
CA ALA B 340 25.08 -16.84 12.94
C ALA B 340 24.67 -18.00 12.05
N HIS B 341 23.67 -17.77 11.19
CA HIS B 341 23.18 -18.82 10.30
C HIS B 341 24.24 -19.28 9.31
N SER B 342 24.18 -20.55 8.92
CA SER B 342 25.20 -21.07 8.01
C SER B 342 25.19 -20.40 6.63
N PHE B 343 24.09 -19.79 6.26
CA PHE B 343 24.03 -19.10 4.97
C PHE B 343 25.17 -18.05 4.90
N PHE B 344 25.58 -17.54 6.07
CA PHE B 344 26.64 -16.55 6.14
C PHE B 344 28.04 -17.09 6.40
N ASP B 345 28.22 -18.42 6.42
CA ASP B 345 29.54 -18.99 6.68
C ASP B 345 30.66 -18.46 5.76
N GLU B 346 30.37 -18.31 4.48
CA GLU B 346 31.39 -17.80 3.58
C GLU B 346 31.98 -16.44 4.01
N LEU B 347 31.17 -15.61 4.67
CA LEU B 347 31.68 -14.31 5.11
C LEU B 347 32.72 -14.50 6.24
N ARG B 348 32.63 -15.64 6.92
CA ARG B 348 33.55 -15.90 8.01
C ARG B 348 34.86 -16.59 7.55
N ASP B 349 34.93 -16.93 6.28
CA ASP B 349 36.13 -17.56 5.72
C ASP B 349 37.24 -16.53 5.64
N PRO B 350 38.42 -16.85 6.19
CA PRO B 350 39.55 -15.92 6.16
C PRO B 350 40.00 -15.48 4.76
N ASN B 351 39.69 -16.27 3.73
CA ASN B 351 40.10 -15.91 2.38
C ASN B 351 39.10 -15.15 1.52
N VAL B 352 37.88 -14.96 2.01
CA VAL B 352 36.84 -14.27 1.25
C VAL B 352 37.26 -12.85 0.83
N LYS B 353 36.88 -12.45 -0.37
CA LYS B 353 37.22 -11.14 -0.91
C LYS B 353 36.02 -10.60 -1.70
N LEU B 354 35.99 -9.29 -1.96
CA LEU B 354 34.91 -8.71 -2.74
C LEU B 354 35.24 -8.98 -4.20
N PRO B 355 34.24 -8.96 -5.09
CA PRO B 355 34.49 -9.21 -6.52
C PRO B 355 35.44 -8.17 -7.12
N ASN B 356 35.43 -6.95 -6.58
CA ASN B 356 36.31 -5.91 -7.09
C ASN B 356 37.73 -6.03 -6.57
N GLY B 357 38.00 -7.13 -5.85
CA GLY B 357 39.31 -7.37 -5.30
C GLY B 357 39.61 -6.87 -3.89
N ARG B 358 38.86 -5.87 -3.41
CA ARG B 358 39.08 -5.33 -2.06
C ARG B 358 38.71 -6.30 -0.96
N ASP B 359 39.11 -5.95 0.26
CA ASP B 359 38.74 -6.76 1.42
C ASP B 359 37.29 -6.45 1.76
N THR B 360 36.65 -7.39 2.45
CA THR B 360 35.27 -7.19 2.90
C THR B 360 35.30 -6.09 3.95
N PRO B 361 34.16 -5.43 4.20
CA PRO B 361 34.18 -4.38 5.21
C PRO B 361 34.17 -5.05 6.61
N ALA B 362 34.13 -4.22 7.65
CA ALA B 362 34.09 -4.69 9.06
C ALA B 362 32.88 -5.60 9.26
N LEU B 363 33.11 -6.80 9.78
CA LEU B 363 32.02 -7.72 9.97
C LEU B 363 31.99 -8.39 11.35
N PHE B 364 33.12 -8.38 12.04
CA PHE B 364 33.26 -9.06 13.32
C PHE B 364 33.55 -8.21 14.57
N ASN B 365 33.57 -6.89 14.42
CA ASN B 365 33.85 -6.02 15.55
C ASN B 365 32.64 -5.86 16.49
N PHE B 366 32.11 -6.98 16.99
CA PHE B 366 30.96 -6.96 17.90
C PHE B 366 31.26 -6.35 19.27
N THR B 367 30.32 -5.58 19.80
CA THR B 367 30.46 -4.99 21.14
C THR B 367 29.58 -5.80 22.12
N THR B 368 29.78 -5.61 23.42
CA THR B 368 29.00 -6.31 24.42
C THR B 368 27.52 -5.95 24.26
N GLN B 369 27.26 -4.68 23.98
CA GLN B 369 25.89 -4.21 23.80
C GLN B 369 25.22 -5.01 22.70
N GLU B 370 25.93 -5.12 21.58
CA GLU B 370 25.43 -5.82 20.41
C GLU B 370 25.18 -7.30 20.65
N LEU B 371 25.98 -7.93 21.51
CA LEU B 371 25.84 -9.36 21.78
C LEU B 371 24.91 -9.71 22.96
N SER B 372 24.51 -8.69 23.72
CA SER B 372 23.69 -8.90 24.92
C SER B 372 22.48 -9.83 24.85
N SER B 373 21.83 -9.95 23.70
CA SER B 373 20.68 -10.83 23.63
C SER B 373 21.09 -12.30 23.71
N ASN B 374 22.36 -12.61 23.44
CA ASN B 374 22.80 -14.00 23.45
C ASN B 374 24.32 -14.18 23.32
N PRO B 375 25.07 -13.79 24.36
CA PRO B 375 26.55 -13.87 24.41
C PRO B 375 27.22 -15.15 23.85
N PRO B 376 26.67 -16.33 24.16
CA PRO B 376 27.28 -17.56 23.63
C PRO B 376 27.47 -17.55 22.12
N LEU B 377 26.63 -16.82 21.40
CA LEU B 377 26.73 -16.76 19.93
C LEU B 377 28.09 -16.23 19.45
N ALA B 378 28.80 -15.54 20.34
CA ALA B 378 30.11 -15.03 19.97
C ALA B 378 31.06 -16.15 19.51
N THR B 379 30.86 -17.36 20.05
CA THR B 379 31.73 -18.47 19.65
C THR B 379 31.58 -18.71 18.16
N ILE B 380 30.44 -18.32 17.59
CA ILE B 380 30.22 -18.49 16.16
C ILE B 380 30.46 -17.20 15.38
N LEU B 381 29.93 -16.10 15.88
CA LEU B 381 30.04 -14.80 15.21
C LEU B 381 31.45 -14.28 14.97
N ILE B 382 32.36 -14.50 15.92
CA ILE B 382 33.72 -14.00 15.77
C ILE B 382 34.60 -15.20 15.42
N PRO B 383 34.93 -15.36 14.13
CA PRO B 383 35.75 -16.51 13.69
C PRO B 383 37.18 -16.52 14.23
N PRO B 384 37.81 -17.71 14.23
CA PRO B 384 39.18 -17.89 14.73
C PRO B 384 40.18 -16.84 14.24
N HIS B 385 40.22 -16.59 12.94
CA HIS B 385 41.17 -15.62 12.40
C HIS B 385 40.80 -14.17 12.72
N ALA B 386 39.52 -13.92 12.99
CA ALA B 386 39.08 -12.55 13.23
C ALA B 386 39.80 -11.86 14.36
N ARG B 387 40.42 -10.71 14.08
CA ARG B 387 41.12 -10.01 15.14
C ARG B 387 40.15 -9.26 16.01
O4 STU C . -8.80 -8.83 -15.30
C25 STU C . -8.58 -7.79 -16.22
C24 STU C . -7.67 -6.62 -15.74
C23 STU C . -7.52 -6.45 -14.21
C22 STU C . -8.89 -6.93 -13.56
C21 STU C . -9.34 -8.42 -13.98
C26 STU C . -8.60 -9.45 -13.07
N2 STU C . -10.85 -8.55 -14.05
C18 STU C . -11.59 -8.22 -15.16
C19 STU C . -11.15 -7.70 -16.44
C6 STU C . -12.06 -7.30 -17.42
C7 STU C . -13.47 -7.41 -17.13
C10 STU C . -13.89 -7.91 -15.89
C11 STU C . -12.97 -8.33 -14.90
C12 STU C . -13.10 -8.77 -13.56
C17 STU C . -11.77 -8.90 -13.03
C16 STU C . -11.59 -9.31 -11.64
C15 STU C . -12.74 -9.56 -10.86
C14 STU C . -14.07 -9.43 -11.40
C13 STU C . -14.27 -9.04 -12.74
C9 STU C . -15.40 -7.90 -15.86
N1 STU C . -15.73 -7.32 -17.12
C8 STU C . -14.67 -7.14 -17.94
O5 STU C . -14.69 -6.84 -19.17
C5 STU C . -11.30 -6.82 -18.53
C20 STU C . -9.93 -6.97 -18.17
C1 STU C . -8.80 -6.66 -19.04
C2 STU C . -9.21 -6.17 -20.31
C3 STU C . -10.57 -5.99 -20.69
C4 STU C . -11.66 -6.30 -19.83
N3 STU C . -9.85 -7.52 -16.89
O6 STU C . -9.88 -6.05 -14.14
C27 STU C . -10.75 -5.34 -13.22
N4 STU C . -7.19 -5.09 -13.72
C28 STU C . -6.58 -5.01 -12.36
O4 STU D . 16.21 11.36 0.44
C25 STU D . 16.95 10.74 -0.59
C24 STU D . 16.21 9.59 -1.34
C23 STU D . 14.93 9.03 -0.65
C22 STU D . 15.21 9.05 0.91
C21 STU D . 15.61 10.49 1.47
C26 STU D . 14.30 11.26 1.74
N2 STU D . 16.58 10.42 2.61
C18 STU D . 17.95 10.37 2.45
C19 STU D . 18.74 10.35 1.21
C6 STU D . 20.15 10.16 1.23
C7 STU D . 20.79 10.01 2.52
C10 STU D . 20.04 10.05 3.70
C11 STU D . 18.61 10.22 3.68
C12 STU D . 17.59 10.18 4.68
C17 STU D . 16.33 10.30 4.02
C16 STU D . 15.09 10.26 4.79
C15 STU D . 15.16 10.10 6.21
C14 STU D . 16.42 10.00 6.90
C13 STU D . 17.64 10.03 6.15
C9 STU D . 21.00 9.96 4.87
N1 STU D . 22.19 9.55 4.24
C8 STU D . 22.18 9.78 2.90
O5 STU D . 23.15 9.79 2.13
C5 STU D . 20.59 10.16 -0.12
C20 STU D . 19.45 10.42 -0.93
C1 STU D . 19.45 10.52 -2.38
C2 STU D . 20.74 10.30 -2.94
C3 STU D . 21.90 10.03 -2.16
C4 STU D . 21.90 9.95 -0.73
N3 STU D . 18.32 10.53 -0.09
O6 STU D . 16.39 8.24 1.07
C27 STU D . 16.29 7.15 2.01
N4 STU D . 14.44 7.68 -1.07
C28 STU D . 13.20 7.19 -0.33
#